data_7B4J
#
_entry.id   7B4J
#
_cell.length_a   97.822
_cell.length_b   97.822
_cell.length_c   118.716
_cell.angle_alpha   90.000
_cell.angle_beta   90.000
_cell.angle_gamma   90.000
#
_symmetry.space_group_name_H-M   'P 43'
#
loop_
_entity.id
_entity.type
_entity.pdbx_description
1 polymer 'Aspartate aminotransferase family protein'
2 non-polymer "4'-DEOXY-4'-AMINOPYRIDOXAL-5'-PHOSPHATE"
3 non-polymer 'SUCCINIC ACID'
4 water water
#
_entity_poly.entity_id   1
_entity_poly.type   'polypeptide(L)'
_entity_poly.pdbx_seq_one_letter_code
;MNQSVSSLAEKDIQYQLHPYTNARLHQELGPLIIERGQGIYVYDDQGKGYIEAMAGLMSVALGFSNQRLIKAAEQQFNTL
PFYHLLNHKSHRPSIELAEKLIEMAPVPMSKVFFTNSGSEANDTVVKFVWYLNNALGKPAKKKFISRVNGYHGVTVASAS
LTGLPGNQRGFDLPLPGFLHVGCPHHYRFALAGESEEHFADRLAVELEQKILAEGPETIAAFIGEPLMGAGGVIVPPRTY
WEKIQKVCRKYDILVIADEVICGFGRTGQMFGSQTFGIQPDIMVLSKQLSSSYQPIAAILINAPVFEGIADQSQALGALG
HGFTGSGHPVATAVALENLKIIEEESLVEHAAQMGQLLRSGLQHFIDHPLVGEIRGCGLIAAVELVGDRVSKAPYQALGT
LGRYMAGRAQEHGMITLAMGDAVAFCPPLIVNEQEVGMIVERFARALDDTTQWVGPGGHHHHHH
;
_entity_poly.pdbx_strand_id   A,B
#
# COMPACT_ATOMS: atom_id res chain seq x y z
N SER A 7 -26.52 -15.33 -7.95
CA SER A 7 -26.73 -14.00 -7.31
C SER A 7 -25.37 -13.37 -7.02
N LEU A 8 -25.36 -12.05 -6.85
CA LEU A 8 -24.14 -11.29 -6.55
C LEU A 8 -23.55 -11.81 -5.23
N ALA A 9 -24.41 -12.15 -4.26
CA ALA A 9 -23.97 -12.63 -2.93
C ALA A 9 -23.27 -13.99 -3.09
N GLU A 10 -23.75 -14.85 -3.97
CA GLU A 10 -23.09 -16.17 -4.18
C GLU A 10 -21.71 -15.96 -4.84
N LYS A 11 -21.61 -15.05 -5.80
CA LYS A 11 -20.31 -14.75 -6.46
C LYS A 11 -19.31 -14.25 -5.40
N ASP A 12 -19.77 -13.41 -4.47
CA ASP A 12 -18.92 -12.88 -3.39
C ASP A 12 -18.42 -14.03 -2.53
N ILE A 13 -19.29 -14.96 -2.15
CA ILE A 13 -18.90 -16.13 -1.32
C ILE A 13 -17.88 -16.98 -2.12
N GLN A 14 -18.12 -17.14 -3.42
CA GLN A 14 -17.29 -18.05 -4.27
C GLN A 14 -15.87 -17.46 -4.43
N TYR A 15 -15.74 -16.14 -4.53
CA TYR A 15 -14.55 -15.49 -5.16
C TYR A 15 -13.77 -14.57 -4.22
N GLN A 16 -14.35 -14.04 -3.13
CA GLN A 16 -13.65 -12.99 -2.32
C GLN A 16 -13.31 -13.47 -0.93
N LEU A 17 -12.03 -13.34 -0.56
CA LEU A 17 -11.61 -13.46 0.85
C LEU A 17 -11.73 -12.07 1.49
N HIS A 18 -12.56 -11.94 2.53
CA HIS A 18 -12.85 -10.64 3.20
C HIS A 18 -11.85 -10.39 4.33
N PRO A 19 -11.40 -9.13 4.45
CA PRO A 19 -10.64 -8.72 5.63
C PRO A 19 -11.54 -8.72 6.86
N TYR A 20 -10.95 -8.97 8.04
CA TYR A 20 -11.60 -8.75 9.35
C TYR A 20 -12.95 -9.47 9.32
N THR A 21 -12.97 -10.67 8.76
CA THR A 21 -14.18 -11.51 8.59
C THR A 21 -13.82 -12.96 8.96
N ASN A 22 -14.75 -13.67 9.61
CA ASN A 22 -14.70 -15.16 9.79
C ASN A 22 -15.01 -15.77 8.43
N ALA A 23 -14.02 -16.34 7.73
CA ALA A 23 -14.21 -16.79 6.33
C ALA A 23 -15.26 -17.91 6.24
N ARG A 24 -15.38 -18.74 7.26
CA ARG A 24 -16.33 -19.89 7.27
C ARG A 24 -17.75 -19.34 7.48
N LEU A 25 -17.94 -18.46 8.46
CA LEU A 25 -19.26 -17.81 8.68
C LEU A 25 -19.64 -17.07 7.41
N HIS A 26 -18.68 -16.45 6.71
CA HIS A 26 -18.96 -15.74 5.45
C HIS A 26 -19.51 -16.71 4.40
N GLN A 27 -18.96 -17.91 4.33
CA GLN A 27 -19.42 -18.92 3.34
C GLN A 27 -20.87 -19.30 3.63
N GLU A 28 -21.24 -19.35 4.90
CA GLU A 28 -22.66 -19.58 5.32
C GLU A 28 -23.52 -18.34 5.05
N LEU A 29 -23.21 -17.16 5.62
CA LEU A 29 -24.12 -15.97 5.62
C LEU A 29 -23.97 -15.13 4.35
N GLY A 30 -22.77 -15.09 3.78
CA GLY A 30 -22.57 -14.23 2.61
C GLY A 30 -22.47 -12.76 3.05
N PRO A 31 -22.29 -11.86 2.09
CA PRO A 31 -22.04 -10.46 2.39
C PRO A 31 -23.31 -9.65 2.69
N LEU A 32 -23.12 -8.49 3.28
CA LEU A 32 -24.07 -7.36 3.13
C LEU A 32 -23.55 -6.48 2.01
N ILE A 33 -24.23 -6.49 0.87
CA ILE A 33 -23.80 -5.76 -0.34
C ILE A 33 -24.35 -4.33 -0.25
N ILE A 34 -23.42 -3.38 -0.25
CA ILE A 34 -23.71 -1.93 -0.27
C ILE A 34 -23.65 -1.52 -1.74
N GLU A 35 -24.74 -0.91 -2.22
CA GLU A 35 -24.95 -0.62 -3.65
C GLU A 35 -24.61 0.83 -3.97
N ARG A 36 -24.99 1.78 -3.11
CA ARG A 36 -24.89 3.23 -3.39
C ARG A 36 -24.86 4.00 -2.08
N GLY A 37 -24.44 5.23 -2.16
CA GLY A 37 -24.42 6.19 -1.05
C GLY A 37 -24.71 7.59 -1.51
N GLN A 38 -25.18 8.41 -0.59
CA GLN A 38 -25.30 9.88 -0.76
C GLN A 38 -25.32 10.48 0.64
N GLY A 39 -24.77 11.68 0.80
CA GLY A 39 -24.67 12.35 2.11
C GLY A 39 -24.02 11.41 3.10
N ILE A 40 -24.66 11.21 4.25
CA ILE A 40 -24.10 10.34 5.32
C ILE A 40 -24.66 8.92 5.16
N TYR A 41 -25.39 8.63 4.10
CA TYR A 41 -26.15 7.36 3.93
C TYR A 41 -25.48 6.41 2.94
N VAL A 42 -25.59 5.12 3.26
CA VAL A 42 -25.36 4.06 2.24
C VAL A 42 -26.60 3.18 2.21
N TYR A 43 -26.78 2.47 1.10
CA TYR A 43 -27.97 1.64 0.84
C TYR A 43 -27.51 0.25 0.44
N ASP A 44 -28.17 -0.78 0.94
CA ASP A 44 -27.87 -2.16 0.54
C ASP A 44 -28.63 -2.47 -0.75
N ASP A 45 -28.41 -3.67 -1.29
CA ASP A 45 -28.96 -4.04 -2.62
C ASP A 45 -30.46 -4.35 -2.50
N GLN A 46 -31.04 -4.32 -1.28
CA GLN A 46 -32.50 -4.45 -1.06
C GLN A 46 -33.12 -3.05 -0.96
N GLY A 47 -32.32 -1.98 -1.07
CA GLY A 47 -32.79 -0.59 -0.97
C GLY A 47 -32.89 -0.08 0.47
N LYS A 48 -32.50 -0.82 1.49
CA LYS A 48 -32.51 -0.33 2.90
C LYS A 48 -31.39 0.69 3.10
N GLY A 49 -31.71 1.86 3.64
CA GLY A 49 -30.76 2.94 3.92
C GLY A 49 -30.17 2.84 5.33
N TYR A 50 -28.91 3.22 5.46
CA TYR A 50 -28.17 3.19 6.74
C TYR A 50 -27.45 4.52 6.89
N ILE A 51 -27.52 5.14 8.07
CA ILE A 51 -26.54 6.19 8.44
C ILE A 51 -25.19 5.52 8.61
N GLU A 52 -24.19 5.97 7.87
CA GLU A 52 -22.79 5.53 8.01
C GLU A 52 -22.19 6.32 9.16
N ALA A 53 -22.50 5.87 10.37
CA ALA A 53 -22.09 6.53 11.63
C ALA A 53 -20.58 6.43 11.80
N MET A 54 -19.90 5.60 11.00
CA MET A 54 -18.43 5.43 11.02
C MET A 54 -17.76 6.19 9.87
N ALA A 55 -18.53 6.87 9.01
CA ALA A 55 -17.99 7.48 7.79
C ALA A 55 -17.12 6.44 7.06
N GLY A 56 -17.68 5.23 6.86
CA GLY A 56 -16.95 4.12 6.24
C GLY A 56 -15.97 3.54 7.23
N LEU A 57 -14.69 3.89 7.11
CA LEU A 57 -13.65 3.48 8.07
C LEU A 57 -13.03 4.75 8.68
N MET A 58 -13.86 5.56 9.33
CA MET A 58 -13.46 6.81 10.04
C MET A 58 -12.80 7.74 9.03
N SER A 59 -13.35 7.80 7.80
CA SER A 59 -12.58 8.31 6.63
C SER A 59 -13.38 9.22 5.70
N VAL A 60 -14.69 8.99 5.52
CA VAL A 60 -15.47 9.66 4.45
C VAL A 60 -15.96 11.03 4.97
N ALA A 61 -15.03 11.96 5.11
CA ALA A 61 -15.25 13.28 5.75
C ALA A 61 -16.41 14.02 5.06
N LEU A 62 -16.44 14.05 3.73
CA LEU A 62 -17.39 14.90 2.97
C LEU A 62 -18.62 14.10 2.57
N GLY A 63 -18.77 12.89 3.11
CA GLY A 63 -19.91 12.03 2.80
C GLY A 63 -19.78 11.40 1.42
N PHE A 64 -20.84 10.72 0.99
CA PHE A 64 -20.79 9.72 -0.12
C PHE A 64 -21.23 10.29 -1.47
N SER A 65 -21.43 11.61 -1.60
CA SER A 65 -21.86 12.21 -2.88
C SER A 65 -21.38 13.66 -3.02
N ASN A 66 -20.12 13.92 -2.70
CA ASN A 66 -19.53 15.27 -2.89
C ASN A 66 -19.13 15.41 -4.36
N GLN A 67 -19.82 16.29 -5.09
CA GLN A 67 -19.65 16.38 -6.58
C GLN A 67 -18.32 17.06 -6.90
N ARG A 68 -17.83 17.97 -6.06
CA ARG A 68 -16.54 18.64 -6.29
C ARG A 68 -15.40 17.61 -6.35
N LEU A 69 -15.42 16.59 -5.49
CA LEU A 69 -14.34 15.56 -5.50
C LEU A 69 -14.44 14.76 -6.81
N ILE A 70 -15.66 14.44 -7.23
CA ILE A 70 -15.93 13.57 -8.40
C ILE A 70 -15.48 14.32 -9.66
N LYS A 71 -15.75 15.64 -9.72
CA LYS A 71 -15.32 16.50 -10.85
C LYS A 71 -13.81 16.67 -10.84
N ALA A 72 -13.17 16.83 -9.67
CA ALA A 72 -11.70 16.97 -9.57
C ALA A 72 -11.02 15.72 -10.14
N ALA A 73 -11.57 14.54 -9.86
CA ALA A 73 -11.08 13.26 -10.40
C ALA A 73 -11.21 13.28 -11.93
N GLU A 74 -12.40 13.61 -12.43
CA GLU A 74 -12.67 13.67 -13.89
C GLU A 74 -11.65 14.58 -14.58
N GLN A 75 -11.45 15.78 -14.04
CA GLN A 75 -10.56 16.77 -14.67
C GLN A 75 -9.15 16.21 -14.70
N GLN A 76 -8.70 15.54 -13.63
CA GLN A 76 -7.34 14.96 -13.64
C GLN A 76 -7.27 13.77 -14.60
N PHE A 77 -8.29 12.92 -14.61
CA PHE A 77 -8.36 11.75 -15.51
C PHE A 77 -8.11 12.22 -16.95
N ASN A 78 -8.77 13.32 -17.34
CA ASN A 78 -8.79 13.78 -18.76
C ASN A 78 -7.50 14.53 -19.06
N THR A 79 -6.67 14.84 -18.05
CA THR A 79 -5.40 15.56 -18.21
C THR A 79 -4.27 14.54 -18.25
N LEU A 80 -4.10 13.81 -17.15
CA LEU A 80 -2.98 12.85 -16.94
C LEU A 80 -3.47 11.85 -15.92
N PRO A 81 -3.99 10.69 -16.36
CA PRO A 81 -4.63 9.76 -15.44
C PRO A 81 -3.65 8.93 -14.60
N PHE A 82 -2.40 8.87 -15.02
CA PHE A 82 -1.32 8.25 -14.23
C PHE A 82 0.00 8.92 -14.61
N TYR A 83 0.80 9.20 -13.59
CA TYR A 83 2.25 9.39 -13.78
C TYR A 83 2.90 9.13 -12.42
N HIS A 84 4.22 9.18 -12.35
CA HIS A 84 4.97 8.76 -11.14
C HIS A 84 5.91 9.90 -10.74
N LEU A 85 6.59 9.71 -9.62
CA LEU A 85 7.48 10.73 -9.04
C LEU A 85 8.92 10.23 -9.06
N LEU A 86 9.19 9.10 -9.71
CA LEU A 86 10.55 8.49 -9.66
C LEU A 86 11.48 9.30 -10.57
N ASN A 87 12.78 9.20 -10.30
CA ASN A 87 13.83 9.69 -11.23
C ASN A 87 13.59 11.17 -11.57
N HIS A 88 13.22 12.00 -10.60
CA HIS A 88 13.03 13.48 -10.79
C HIS A 88 11.72 13.83 -11.48
N LYS A 89 10.95 12.86 -11.98
CA LYS A 89 9.64 13.16 -12.62
C LYS A 89 8.69 13.74 -11.57
N SER A 90 7.81 14.64 -11.98
CA SER A 90 6.79 15.21 -11.07
C SER A 90 5.56 15.62 -11.85
N HIS A 91 4.56 16.06 -11.12
CA HIS A 91 3.28 16.51 -11.71
C HIS A 91 2.61 17.44 -10.74
N ARG A 92 1.75 18.31 -11.28
CA ARG A 92 1.17 19.47 -10.57
C ARG A 92 0.40 19.03 -9.33
N PRO A 93 -0.55 18.08 -9.41
CA PRO A 93 -1.37 17.77 -8.23
C PRO A 93 -0.52 17.32 -7.02
N SER A 94 0.53 16.52 -7.23
CA SER A 94 1.42 16.09 -6.12
C SER A 94 2.10 17.32 -5.52
N ILE A 95 2.61 18.21 -6.36
CA ILE A 95 3.33 19.43 -5.90
C ILE A 95 2.37 20.33 -5.09
N GLU A 96 1.22 20.67 -5.66
CA GLU A 96 0.24 21.56 -4.99
C GLU A 96 -0.30 20.92 -3.70
N LEU A 97 -0.52 19.60 -3.69
CA LEU A 97 -0.91 18.92 -2.44
C LEU A 97 0.23 18.99 -1.41
N ALA A 98 1.46 18.74 -1.83
CA ALA A 98 2.60 18.72 -0.89
C ALA A 98 2.73 20.11 -0.26
N GLU A 99 2.60 21.15 -1.07
CA GLU A 99 2.64 22.56 -0.60
C GLU A 99 1.56 22.78 0.47
N LYS A 100 0.32 22.45 0.15
CA LYS A 100 -0.85 22.68 1.05
C LYS A 100 -0.61 21.97 2.37
N LEU A 101 -0.09 20.75 2.33
CA LEU A 101 0.10 19.92 3.54
C LEU A 101 1.21 20.52 4.41
N ILE A 102 2.32 20.93 3.82
CA ILE A 102 3.42 21.55 4.59
C ILE A 102 2.88 22.85 5.20
N GLU A 103 2.10 23.64 4.43
CA GLU A 103 1.72 25.01 4.87
C GLU A 103 0.66 24.88 5.95
N MET A 104 -0.12 23.80 5.99
CA MET A 104 -1.19 23.67 6.99
C MET A 104 -0.68 22.88 8.20
N ALA A 105 0.53 22.34 8.16
CA ALA A 105 1.09 21.52 9.25
C ALA A 105 1.07 22.30 10.56
N PRO A 106 0.78 21.63 11.70
CA PRO A 106 0.66 22.33 12.98
C PRO A 106 2.02 22.69 13.58
N VAL A 107 3.09 22.04 13.13
CA VAL A 107 4.51 22.36 13.47
C VAL A 107 5.30 22.48 12.17
N PRO A 108 6.45 23.19 12.17
CA PRO A 108 7.24 23.34 10.95
C PRO A 108 7.65 21.97 10.39
N MET A 109 7.28 21.73 9.13
CA MET A 109 7.65 20.49 8.42
C MET A 109 8.42 20.85 7.17
N SER A 110 9.28 19.94 6.73
CA SER A 110 10.19 20.10 5.58
C SER A 110 9.60 19.49 4.28
N LYS A 111 9.27 18.20 4.28
CA LYS A 111 8.95 17.46 3.03
C LYS A 111 7.77 16.51 3.23
N VAL A 112 7.03 16.25 2.15
CA VAL A 112 5.96 15.21 2.06
C VAL A 112 6.48 14.03 1.23
N PHE A 113 6.20 12.82 1.69
CA PHE A 113 6.40 11.57 0.93
C PHE A 113 5.03 10.87 0.89
N PHE A 114 4.57 10.56 -0.30
CA PHE A 114 3.22 10.03 -0.55
C PHE A 114 3.29 8.50 -0.67
N THR A 115 2.24 7.87 -0.16
CA THR A 115 1.96 6.42 -0.30
C THR A 115 0.49 6.25 -0.63
N ASN A 116 0.08 4.99 -0.84
CA ASN A 116 -1.34 4.65 -1.07
C ASN A 116 -2.07 4.56 0.25
N SER A 117 -1.46 4.00 1.28
CA SER A 117 -2.19 3.62 2.51
C SER A 117 -1.45 4.08 3.77
N GLY A 118 -2.20 4.17 4.87
CA GLY A 118 -1.66 4.43 6.20
C GLY A 118 -0.65 3.37 6.56
N SER A 119 -0.95 2.10 6.24
CA SER A 119 -0.05 0.95 6.53
C SER A 119 1.27 1.16 5.80
N GLU A 120 1.22 1.44 4.50
CA GLU A 120 2.44 1.73 3.69
C GLU A 120 3.20 2.91 4.29
N ALA A 121 2.48 3.95 4.73
CA ALA A 121 3.09 5.18 5.28
C ALA A 121 3.85 4.83 6.56
N ASN A 122 3.24 4.12 7.51
CA ASN A 122 3.92 3.79 8.80
C ASN A 122 5.08 2.83 8.53
N ASP A 123 4.89 1.87 7.63
CA ASP A 123 5.95 0.94 7.18
C ASP A 123 7.12 1.77 6.62
N THR A 124 6.81 2.80 5.83
CA THR A 124 7.83 3.69 5.21
C THR A 124 8.53 4.50 6.32
N VAL A 125 7.81 4.97 7.31
CA VAL A 125 8.40 5.72 8.46
C VAL A 125 9.43 4.82 9.16
N VAL A 126 9.12 3.55 9.38
CA VAL A 126 10.07 2.59 10.01
C VAL A 126 11.36 2.58 9.18
N LYS A 127 11.25 2.34 7.89
CA LYS A 127 12.42 2.27 6.99
C LYS A 127 13.18 3.60 7.00
N PHE A 128 12.48 4.73 7.02
CA PHE A 128 13.12 6.07 6.89
C PHE A 128 13.92 6.37 8.18
N VAL A 129 13.38 5.91 9.31
CA VAL A 129 14.04 6.12 10.62
C VAL A 129 15.31 5.26 10.70
N TRP A 130 15.23 4.00 10.27
CA TRP A 130 16.40 3.09 10.18
C TRP A 130 17.47 3.68 9.26
N TYR A 131 17.05 4.19 8.10
CA TYR A 131 17.91 4.81 7.08
C TYR A 131 18.59 6.05 7.68
N LEU A 132 17.81 6.91 8.34
CA LEU A 132 18.27 8.13 9.01
C LEU A 132 19.36 7.81 10.04
N ASN A 133 19.11 6.86 10.96
CA ASN A 133 20.05 6.57 12.07
C ASN A 133 21.29 5.85 11.52
N ASN A 134 21.16 5.05 10.46
CA ASN A 134 22.33 4.51 9.72
C ASN A 134 23.12 5.70 9.15
N ALA A 135 22.46 6.67 8.52
CA ALA A 135 23.08 7.88 7.95
C ALA A 135 23.87 8.64 9.03
N LEU A 136 23.33 8.71 10.24
CA LEU A 136 23.89 9.53 11.36
C LEU A 136 24.96 8.74 12.12
N GLY A 137 25.26 7.51 11.71
CA GLY A 137 26.19 6.60 12.38
C GLY A 137 25.67 6.16 13.74
N LYS A 138 24.38 5.87 13.85
CA LYS A 138 23.80 5.28 15.08
C LYS A 138 23.12 3.98 14.71
N PRO A 139 23.89 2.96 14.29
CA PRO A 139 23.31 1.72 13.78
C PRO A 139 22.50 0.89 14.80
N ALA A 140 22.64 1.17 16.09
CA ALA A 140 21.86 0.49 17.14
C ALA A 140 20.50 1.19 17.35
N LYS A 141 20.37 2.46 16.95
CA LYS A 141 19.20 3.31 17.28
C LYS A 141 18.08 3.00 16.26
N LYS A 142 17.40 1.88 16.47
CA LYS A 142 16.48 1.22 15.51
C LYS A 142 15.14 0.78 16.12
N LYS A 143 14.99 0.75 17.44
CA LYS A 143 13.78 0.14 18.05
C LYS A 143 12.63 1.16 18.04
N PHE A 144 11.40 0.64 17.89
CA PHE A 144 10.18 1.48 17.95
C PHE A 144 9.39 1.09 19.21
N ILE A 145 8.87 2.11 19.89
CA ILE A 145 7.92 1.93 21.00
C ILE A 145 6.54 2.41 20.53
N SER A 146 5.56 1.51 20.54
CA SER A 146 4.13 1.86 20.32
C SER A 146 3.35 1.46 21.58
N ARG A 147 2.03 1.50 21.54
CA ARG A 147 1.18 1.27 22.72
C ARG A 147 0.23 0.09 22.49
N VAL A 148 -0.12 -0.58 23.58
CA VAL A 148 -1.23 -1.57 23.60
C VAL A 148 -2.48 -0.87 23.03
N ASN A 149 -3.17 -1.56 22.13
CA ASN A 149 -4.46 -1.12 21.50
C ASN A 149 -4.24 0.02 20.50
N GLY A 150 -2.99 0.39 20.25
CA GLY A 150 -2.66 1.31 19.15
C GLY A 150 -2.95 0.62 17.82
N TYR A 151 -3.35 1.39 16.81
CA TYR A 151 -3.50 0.85 15.44
C TYR A 151 -2.70 1.70 14.46
N HIS A 152 -1.78 1.05 13.77
CA HIS A 152 -0.81 1.69 12.86
C HIS A 152 -0.72 0.92 11.53
N GLY A 153 -1.62 -0.03 11.27
CA GLY A 153 -1.68 -0.69 9.96
C GLY A 153 -1.38 -2.18 10.07
N VAL A 154 -1.25 -2.82 8.92
CA VAL A 154 -1.32 -4.31 8.83
C VAL A 154 -0.12 -4.88 8.04
N THR A 155 0.87 -4.09 7.66
CA THR A 155 2.05 -4.71 7.03
C THR A 155 2.81 -5.45 8.12
N VAL A 156 3.74 -6.33 7.72
CA VAL A 156 4.56 -7.09 8.70
C VAL A 156 5.11 -6.09 9.73
N ALA A 157 5.67 -4.97 9.29
CA ALA A 157 6.21 -3.93 10.21
C ALA A 157 5.10 -3.10 10.86
N SER A 158 4.12 -2.57 10.13
CA SER A 158 3.12 -1.66 10.74
C SER A 158 2.21 -2.45 11.69
N ALA A 159 1.92 -3.72 11.41
CA ALA A 159 1.15 -4.59 12.33
C ALA A 159 1.99 -4.96 13.57
N SER A 160 3.32 -4.83 13.51
CA SER A 160 4.20 -4.98 14.71
C SER A 160 4.08 -3.72 15.56
N LEU A 161 3.91 -2.55 14.93
CA LEU A 161 3.63 -1.27 15.61
C LEU A 161 2.25 -1.34 16.25
N THR A 162 1.26 -1.84 15.50
CA THR A 162 -0.13 -2.03 16.00
C THR A 162 -0.06 -2.81 17.31
N GLY A 163 -0.89 -2.45 18.30
CA GLY A 163 -0.91 -3.08 19.64
C GLY A 163 -2.19 -3.87 19.90
N LEU A 164 -2.91 -4.26 18.85
CA LEU A 164 -4.14 -5.09 19.00
C LEU A 164 -3.75 -6.55 18.80
N PRO A 165 -3.97 -7.42 19.80
CA PRO A 165 -3.66 -8.84 19.66
C PRO A 165 -4.25 -9.53 18.42
N GLY A 166 -5.47 -9.15 18.02
CA GLY A 166 -6.13 -9.74 16.84
C GLY A 166 -5.36 -9.48 15.56
N ASN A 167 -4.53 -8.44 15.53
CA ASN A 167 -3.65 -8.09 14.37
C ASN A 167 -2.34 -8.89 14.37
N GLN A 168 -2.03 -9.60 15.46
CA GLN A 168 -0.71 -10.28 15.63
C GLN A 168 -0.92 -11.79 15.70
N ARG A 169 -1.96 -12.26 16.39
CA ARG A 169 -2.20 -13.70 16.63
C ARG A 169 -2.25 -14.45 15.30
N GLY A 170 -1.43 -15.50 15.14
CA GLY A 170 -1.36 -16.32 13.93
C GLY A 170 -0.41 -15.76 12.88
N PHE A 171 0.14 -14.56 13.07
CA PHE A 171 0.96 -13.84 12.06
C PHE A 171 2.43 -13.79 12.49
N ASP A 172 2.79 -14.45 13.60
CA ASP A 172 4.15 -14.46 14.18
C ASP A 172 4.63 -13.02 14.40
N LEU A 173 3.75 -12.11 14.84
CA LEU A 173 4.11 -10.69 15.14
C LEU A 173 3.96 -10.43 16.62
N PRO A 174 4.56 -9.37 17.20
CA PRO A 174 5.40 -8.43 16.45
C PRO A 174 6.79 -8.94 16.09
N LEU A 175 7.45 -8.34 15.09
CA LEU A 175 8.89 -8.56 14.82
C LEU A 175 9.69 -8.14 16.04
N PRO A 176 10.92 -8.70 16.21
CA PRO A 176 11.86 -8.15 17.19
C PRO A 176 12.12 -6.65 16.97
N GLY A 177 12.28 -5.89 18.06
CA GLY A 177 12.62 -4.45 18.01
C GLY A 177 11.39 -3.55 18.00
N PHE A 178 10.21 -4.16 18.03
CA PHE A 178 8.90 -3.44 18.06
C PHE A 178 8.27 -3.66 19.44
N LEU A 179 8.33 -2.62 20.27
CA LEU A 179 8.05 -2.66 21.72
C LEU A 179 6.73 -1.96 21.99
N HIS A 180 6.03 -2.36 23.05
CA HIS A 180 4.73 -1.78 23.43
C HIS A 180 4.75 -1.38 24.90
N VAL A 181 4.32 -0.16 25.19
CA VAL A 181 4.01 0.33 26.56
C VAL A 181 2.49 0.43 26.65
N GLY A 182 2.00 0.99 27.75
CA GLY A 182 0.63 0.82 28.21
C GLY A 182 -0.34 1.62 27.35
N CYS A 183 -1.53 1.05 27.17
CA CYS A 183 -2.70 1.76 26.66
C CYS A 183 -3.10 2.85 27.66
N PRO A 184 -3.14 4.14 27.25
CA PRO A 184 -3.50 5.23 28.15
C PRO A 184 -5.01 5.39 28.29
N HIS A 185 -5.63 4.36 28.87
CA HIS A 185 -7.10 4.29 29.11
C HIS A 185 -7.37 4.21 30.61
N HIS A 186 -7.71 5.36 31.21
CA HIS A 186 -7.93 5.55 32.66
C HIS A 186 -8.96 4.53 33.18
N TYR A 187 -10.09 4.38 32.50
CA TYR A 187 -11.20 3.49 32.93
C TYR A 187 -10.70 2.05 33.13
N ARG A 188 -9.74 1.59 32.31
CA ARG A 188 -9.30 0.17 32.33
C ARG A 188 -7.99 0.02 33.12
N PHE A 189 -7.13 1.04 33.24
CA PHE A 189 -5.72 0.83 33.65
C PHE A 189 -5.30 1.73 34.83
N ALA A 190 -6.11 2.70 35.23
CA ALA A 190 -5.83 3.53 36.42
C ALA A 190 -5.93 2.63 37.67
N LEU A 191 -5.12 2.89 38.69
CA LEU A 191 -5.24 2.18 39.98
C LEU A 191 -6.40 2.83 40.75
N ALA A 192 -7.01 2.13 41.70
CA ALA A 192 -8.16 2.63 42.48
C ALA A 192 -7.88 4.08 42.90
N GLY A 193 -8.78 5.01 42.56
CA GLY A 193 -8.72 6.42 42.98
C GLY A 193 -7.67 7.27 42.26
N GLU A 194 -6.79 6.68 41.42
CA GLU A 194 -5.68 7.38 40.71
C GLU A 194 -6.27 8.49 39.81
N SER A 195 -5.79 9.73 39.95
CA SER A 195 -6.20 10.87 39.08
C SER A 195 -5.67 10.63 37.67
N GLU A 196 -6.20 11.39 36.71
CA GLU A 196 -5.70 11.36 35.31
C GLU A 196 -4.23 11.77 35.31
N GLU A 197 -3.88 12.84 36.03
CA GLU A 197 -2.49 13.37 36.09
C GLU A 197 -1.57 12.28 36.64
N HIS A 198 -1.95 11.59 37.72
CA HIS A 198 -1.12 10.55 38.38
C HIS A 198 -1.00 9.35 37.44
N PHE A 199 -2.08 9.05 36.71
CA PHE A 199 -2.07 8.00 35.67
C PHE A 199 -1.01 8.36 34.59
N ALA A 200 -1.08 9.59 34.10
CA ALA A 200 -0.12 10.17 33.13
C ALA A 200 1.32 10.05 33.65
N ASP A 201 1.56 10.38 34.93
CA ASP A 201 2.89 10.25 35.60
C ASP A 201 3.39 8.81 35.45
N ARG A 202 2.57 7.86 35.87
CA ARG A 202 2.95 6.43 35.87
C ARG A 202 3.23 5.92 34.44
N LEU A 203 2.51 6.44 33.45
CA LEU A 203 2.74 6.04 32.03
C LEU A 203 4.08 6.61 31.55
N ALA A 204 4.36 7.86 31.90
CA ALA A 204 5.65 8.52 31.58
C ALA A 204 6.80 7.72 32.21
N VAL A 205 6.62 7.29 33.47
CA VAL A 205 7.59 6.41 34.17
C VAL A 205 7.76 5.10 33.40
N GLU A 206 6.66 4.42 33.05
CA GLU A 206 6.74 3.14 32.30
C GLU A 206 7.61 3.33 31.06
N LEU A 207 7.42 4.43 30.33
CA LEU A 207 8.15 4.71 29.06
C LEU A 207 9.64 4.89 29.40
N GLU A 208 9.96 5.81 30.33
CA GLU A 208 11.37 6.08 30.78
C GLU A 208 12.03 4.75 31.17
N GLN A 209 11.33 3.87 31.89
CA GLN A 209 11.90 2.60 32.41
C GLN A 209 12.09 1.61 31.26
N LYS A 210 11.20 1.64 30.27
CA LYS A 210 11.35 0.76 29.09
C LYS A 210 12.64 1.16 28.33
N ILE A 211 12.82 2.47 28.15
CA ILE A 211 13.96 3.09 27.42
C ILE A 211 15.26 2.67 28.14
N LEU A 212 15.36 2.98 29.44
CA LEU A 212 16.54 2.61 30.28
C LEU A 212 16.74 1.08 30.21
N ALA A 213 15.70 0.27 30.40
CA ALA A 213 15.84 -1.21 30.36
C ALA A 213 16.34 -1.70 29.00
N GLU A 214 15.96 -1.04 27.90
CA GLU A 214 16.30 -1.50 26.52
C GLU A 214 17.66 -0.93 26.10
N GLY A 215 18.04 0.20 26.71
CA GLY A 215 19.23 1.00 26.32
C GLY A 215 18.78 2.17 25.47
N PRO A 216 18.78 3.41 26.02
CA PRO A 216 18.33 4.58 25.27
C PRO A 216 18.94 4.68 23.86
N GLU A 217 20.18 4.21 23.70
CA GLU A 217 20.95 4.32 22.44
C GLU A 217 20.29 3.42 21.39
N THR A 218 19.38 2.52 21.78
CA THR A 218 18.74 1.53 20.88
C THR A 218 17.34 1.99 20.43
N ILE A 219 16.78 3.06 21.01
CA ILE A 219 15.37 3.50 20.81
C ILE A 219 15.36 4.65 19.78
N ALA A 220 14.81 4.39 18.60
CA ALA A 220 14.72 5.39 17.50
C ALA A 220 13.50 6.30 17.70
N ALA A 221 12.34 5.72 18.04
CA ALA A 221 11.08 6.45 17.85
C ALA A 221 9.98 5.93 18.76
N PHE A 222 9.10 6.85 19.11
CA PHE A 222 7.80 6.61 19.77
C PHE A 222 6.69 7.04 18.81
N ILE A 223 5.76 6.12 18.53
CA ILE A 223 4.61 6.43 17.64
C ILE A 223 3.33 6.29 18.45
N GLY A 224 2.44 7.25 18.28
CA GLY A 224 1.10 7.21 18.87
C GLY A 224 0.10 7.97 18.03
N GLU A 225 -1.10 7.41 17.94
CA GLU A 225 -2.30 8.20 17.57
C GLU A 225 -2.57 9.16 18.71
N PRO A 226 -2.82 10.45 18.42
CA PRO A 226 -3.17 11.41 19.47
C PRO A 226 -4.27 10.85 20.39
N LEU A 227 -5.36 10.35 19.80
CA LEU A 227 -6.31 9.46 20.51
C LEU A 227 -6.42 8.21 19.65
N MET A 228 -6.63 7.07 20.30
CA MET A 228 -6.61 5.75 19.63
C MET A 228 -7.97 5.52 18.94
N GLY A 229 -7.99 5.40 17.61
CA GLY A 229 -9.23 5.22 16.85
C GLY A 229 -9.72 3.78 16.92
N ALA A 230 -9.13 2.90 16.11
CA ALA A 230 -9.62 1.53 15.89
C ALA A 230 -9.60 0.74 17.21
N GLY A 231 -8.76 1.14 18.17
CA GLY A 231 -8.56 0.41 19.43
C GLY A 231 -9.56 0.80 20.50
N GLY A 232 -10.59 1.60 20.17
CA GLY A 232 -11.73 1.83 21.07
C GLY A 232 -12.04 3.28 21.35
N VAL A 233 -11.51 4.22 20.58
CA VAL A 233 -11.74 5.67 20.78
C VAL A 233 -11.24 5.98 22.19
N ILE A 234 -9.93 5.77 22.40
CA ILE A 234 -9.25 5.91 23.73
C ILE A 234 -8.63 7.31 23.76
N VAL A 235 -9.25 8.20 24.53
CA VAL A 235 -8.69 9.56 24.83
C VAL A 235 -7.62 9.39 25.89
N PRO A 236 -6.40 9.90 25.69
CA PRO A 236 -5.36 9.78 26.72
C PRO A 236 -5.71 10.67 27.92
N PRO A 237 -5.21 10.39 29.13
CA PRO A 237 -5.47 11.25 30.28
C PRO A 237 -4.78 12.61 30.15
N ARG A 238 -5.37 13.66 30.73
CA ARG A 238 -4.74 15.02 30.84
C ARG A 238 -3.25 14.85 31.20
N THR A 239 -2.37 15.60 30.53
CA THR A 239 -0.89 15.72 30.75
C THR A 239 -0.12 14.51 30.21
N TYR A 240 -0.78 13.51 29.61
CA TYR A 240 -0.09 12.33 29.04
C TYR A 240 0.92 12.80 27.97
N TRP A 241 0.48 13.56 26.99
CA TRP A 241 1.32 13.87 25.80
C TRP A 241 2.46 14.80 26.21
N GLU A 242 2.18 15.80 27.06
CA GLU A 242 3.22 16.70 27.60
C GLU A 242 4.33 15.85 28.21
N LYS A 243 3.96 14.97 29.13
CA LYS A 243 4.93 14.22 29.96
C LYS A 243 5.62 13.16 29.11
N ILE A 244 4.91 12.54 28.17
CA ILE A 244 5.52 11.50 27.29
C ILE A 244 6.60 12.14 26.41
N GLN A 245 6.31 13.34 25.91
CA GLN A 245 7.21 14.07 24.98
C GLN A 245 8.47 14.49 25.73
N LYS A 246 8.33 15.06 26.93
CA LYS A 246 9.49 15.37 27.84
C LYS A 246 10.41 14.13 27.89
N VAL A 247 9.86 12.94 28.15
CA VAL A 247 10.67 11.68 28.23
C VAL A 247 11.33 11.41 26.86
N CYS A 248 10.59 11.57 25.76
CA CYS A 248 11.12 11.32 24.41
C CYS A 248 12.27 12.30 24.13
N ARG A 249 12.06 13.61 24.34
CA ARG A 249 13.11 14.65 24.09
C ARG A 249 14.32 14.33 24.96
N LYS A 250 14.10 13.88 26.20
CA LYS A 250 15.18 13.54 27.15
C LYS A 250 16.16 12.54 26.51
N TYR A 251 15.69 11.56 25.72
CA TYR A 251 16.55 10.46 25.21
C TYR A 251 16.74 10.53 23.69
N ASP A 252 16.45 11.68 23.08
CA ASP A 252 16.68 11.92 21.63
C ASP A 252 15.85 10.88 20.84
N ILE A 253 14.56 10.74 21.18
CA ILE A 253 13.64 9.75 20.54
C ILE A 253 12.66 10.53 19.66
N LEU A 254 12.54 10.16 18.38
CA LEU A 254 11.58 10.83 17.48
C LEU A 254 10.15 10.58 17.99
N VAL A 255 9.32 11.63 17.94
CA VAL A 255 7.86 11.57 18.23
C VAL A 255 7.11 11.54 16.90
N ILE A 256 6.44 10.42 16.62
CA ILE A 256 5.63 10.25 15.38
C ILE A 256 4.17 10.35 15.77
N ALA A 257 3.46 11.34 15.25
CA ALA A 257 2.00 11.48 15.44
C ALA A 257 1.32 10.75 14.27
N ASP A 258 0.67 9.63 14.58
CA ASP A 258 -0.19 8.88 13.62
C ASP A 258 -1.55 9.57 13.60
N GLU A 259 -1.77 10.43 12.59
CA GLU A 259 -2.99 11.22 12.40
C GLU A 259 -3.91 10.56 11.35
N VAL A 260 -3.76 9.27 11.11
CA VAL A 260 -4.53 8.61 10.02
C VAL A 260 -6.02 8.79 10.31
N ILE A 261 -6.48 8.64 11.55
CA ILE A 261 -7.90 8.94 11.90
C ILE A 261 -8.08 10.39 12.40
N CYS A 262 -7.17 10.91 13.24
CA CYS A 262 -7.38 12.26 13.84
C CYS A 262 -7.28 13.38 12.80
N GLY A 263 -6.55 13.15 11.70
CA GLY A 263 -6.25 14.21 10.73
C GLY A 263 -7.50 14.80 10.10
N PHE A 264 -7.51 16.13 9.96
CA PHE A 264 -8.46 16.95 9.16
C PHE A 264 -9.80 17.06 9.86
N GLY A 265 -9.80 17.44 11.14
CA GLY A 265 -10.98 17.96 11.81
C GLY A 265 -11.76 16.92 12.58
N ARG A 266 -11.19 15.73 12.82
CA ARG A 266 -11.95 14.66 13.54
C ARG A 266 -12.07 15.02 15.03
N THR A 267 -11.06 15.67 15.62
CA THR A 267 -10.92 15.77 17.10
C THR A 267 -11.26 17.16 17.65
N GLY A 268 -11.78 18.06 16.82
CA GLY A 268 -12.21 19.40 17.25
C GLY A 268 -11.27 20.47 16.73
N GLN A 269 -10.07 20.10 16.29
CA GLN A 269 -9.11 20.99 15.60
C GLN A 269 -8.64 20.28 14.33
N MET A 270 -7.87 20.93 13.49
CA MET A 270 -7.48 20.36 12.19
C MET A 270 -6.75 19.05 12.46
N PHE A 271 -5.85 19.02 13.45
CA PHE A 271 -5.03 17.83 13.78
C PHE A 271 -5.18 17.45 15.25
N GLY A 272 -5.10 16.15 15.53
CA GLY A 272 -5.05 15.65 16.91
C GLY A 272 -3.84 16.22 17.64
N SER A 273 -2.74 16.43 16.92
CA SER A 273 -1.50 17.09 17.42
C SER A 273 -1.82 18.46 18.02
N GLN A 274 -2.75 19.20 17.43
CA GLN A 274 -3.20 20.49 17.98
C GLN A 274 -4.05 20.22 19.22
N THR A 275 -5.07 19.36 19.11
CA THR A 275 -5.98 19.07 20.24
C THR A 275 -5.19 18.63 21.48
N PHE A 276 -4.12 17.83 21.34
CA PHE A 276 -3.46 17.16 22.50
C PHE A 276 -2.08 17.77 22.78
N GLY A 277 -1.71 18.89 22.16
CA GLY A 277 -0.39 19.55 22.32
C GLY A 277 0.76 18.62 22.00
N ILE A 278 0.74 18.03 20.81
CA ILE A 278 1.88 17.21 20.31
C ILE A 278 2.68 18.07 19.32
N GLN A 279 4.02 17.99 19.43
CA GLN A 279 5.02 18.63 18.53
C GLN A 279 5.80 17.50 17.88
N PRO A 280 5.20 16.80 16.89
CA PRO A 280 5.86 15.63 16.31
C PRO A 280 7.01 16.00 15.35
N ASP A 281 7.96 15.08 15.22
CA ASP A 281 9.04 15.10 14.19
C ASP A 281 8.50 14.63 12.85
N ILE A 282 7.54 13.70 12.88
CA ILE A 282 6.95 13.02 11.68
C ILE A 282 5.44 12.93 11.92
N MET A 283 4.64 13.21 10.88
CA MET A 283 3.17 13.00 10.95
C MET A 283 2.77 12.05 9.81
N VAL A 284 1.81 11.18 10.09
CA VAL A 284 1.25 10.25 9.06
C VAL A 284 -0.22 10.60 8.88
N LEU A 285 -0.62 10.83 7.62
CA LEU A 285 -1.96 11.28 7.24
C LEU A 285 -2.56 10.32 6.20
N SER A 286 -3.87 10.14 6.28
CA SER A 286 -4.64 9.31 5.32
C SER A 286 -6.11 9.61 5.49
N LYS A 287 -6.96 8.71 5.00
CA LYS A 287 -8.41 8.65 5.26
C LYS A 287 -9.04 10.01 4.89
N GLN A 288 -9.30 10.87 5.86
CA GLN A 288 -10.00 12.16 5.61
C GLN A 288 -9.21 13.05 4.65
N LEU A 289 -7.93 12.78 4.45
CA LEU A 289 -7.10 13.44 3.41
C LEU A 289 -7.85 13.50 2.09
N SER A 290 -8.57 12.44 1.72
CA SER A 290 -9.26 12.33 0.41
C SER A 290 -10.72 11.95 0.61
N SER A 291 -11.23 11.97 1.85
CA SER A 291 -12.53 11.39 2.24
C SER A 291 -12.60 9.93 1.76
N SER A 292 -11.45 9.27 1.64
CA SER A 292 -11.30 7.88 1.14
C SER A 292 -11.85 7.74 -0.30
N TYR A 293 -12.11 8.83 -1.03
CA TYR A 293 -12.57 8.76 -2.44
C TYR A 293 -11.45 8.19 -3.30
N GLN A 294 -10.19 8.37 -2.88
CA GLN A 294 -9.00 7.76 -3.49
C GLN A 294 -8.10 7.23 -2.40
N PRO A 295 -7.40 6.10 -2.62
CA PRO A 295 -6.39 5.62 -1.69
C PRO A 295 -5.16 6.54 -1.76
N ILE A 296 -4.91 7.26 -0.68
CA ILE A 296 -3.69 8.11 -0.56
C ILE A 296 -3.41 8.34 0.91
N ALA A 297 -2.12 8.31 1.23
CA ALA A 297 -1.57 8.67 2.54
C ALA A 297 -0.36 9.57 2.30
N ALA A 298 0.03 10.29 3.32
CA ALA A 298 1.14 11.26 3.27
C ALA A 298 1.92 11.19 4.58
N ILE A 299 3.24 11.20 4.47
CA ILE A 299 4.20 11.37 5.59
C ILE A 299 4.74 12.79 5.53
N LEU A 300 4.60 13.54 6.62
CA LEU A 300 5.31 14.85 6.79
C LEU A 300 6.55 14.58 7.64
N ILE A 301 7.74 14.96 7.16
CA ILE A 301 9.00 14.86 7.94
C ILE A 301 9.52 16.28 8.19
N ASN A 302 10.11 16.52 9.37
CA ASN A 302 10.67 17.87 9.71
C ASN A 302 12.08 17.99 9.09
N ALA A 303 12.72 19.16 9.22
CA ALA A 303 14.02 19.47 8.58
C ALA A 303 15.08 18.43 8.95
N PRO A 304 15.32 18.14 10.24
CA PRO A 304 16.37 17.19 10.60
C PRO A 304 16.22 15.79 9.98
N VAL A 305 15.00 15.26 9.94
CA VAL A 305 14.77 13.91 9.35
C VAL A 305 15.10 13.98 7.85
N PHE A 306 14.58 14.98 7.15
CA PHE A 306 14.83 15.19 5.70
C PHE A 306 16.34 15.32 5.45
N GLU A 307 17.01 16.18 6.23
CA GLU A 307 18.44 16.51 5.94
C GLU A 307 19.26 15.22 5.98
N GLY A 308 19.04 14.36 6.99
CA GLY A 308 19.78 13.08 7.12
C GLY A 308 19.46 12.11 6.00
N ILE A 309 18.18 11.96 5.68
CA ILE A 309 17.73 11.05 4.59
C ILE A 309 18.33 11.54 3.26
N ALA A 310 18.25 12.85 2.99
CA ALA A 310 18.75 13.49 1.75
C ALA A 310 20.24 13.19 1.58
N ASP A 311 21.02 13.39 2.64
CA ASP A 311 22.48 13.11 2.67
C ASP A 311 22.72 11.65 2.27
N GLN A 312 22.04 10.71 2.91
CA GLN A 312 22.23 9.27 2.64
C GLN A 312 21.73 8.93 1.22
N SER A 313 20.70 9.61 0.70
CA SER A 313 20.15 9.35 -0.66
C SER A 313 21.21 9.74 -1.69
N GLN A 314 22.00 10.79 -1.41
CA GLN A 314 23.16 11.18 -2.26
C GLN A 314 24.26 10.12 -2.10
N ALA A 315 24.66 9.80 -0.86
CA ALA A 315 25.74 8.82 -0.62
C ALA A 315 25.41 7.46 -1.28
N LEU A 316 24.15 7.03 -1.28
CA LEU A 316 23.77 5.68 -1.79
C LEU A 316 23.25 5.77 -3.23
N GLY A 317 23.37 6.92 -3.90
CA GLY A 317 23.00 7.07 -5.32
C GLY A 317 21.59 7.62 -5.50
N ALA A 318 20.61 7.03 -4.83
CA ALA A 318 19.19 7.47 -4.80
C ALA A 318 18.51 6.84 -3.58
N LEU A 319 17.39 7.40 -3.15
CA LEU A 319 16.53 6.84 -2.09
C LEU A 319 15.83 5.59 -2.63
N GLY A 320 16.23 4.40 -2.17
CA GLY A 320 15.77 3.14 -2.76
C GLY A 320 14.43 2.74 -2.21
N HIS A 321 13.44 3.60 -2.39
CA HIS A 321 12.08 3.44 -1.81
C HIS A 321 11.06 4.18 -2.65
N GLY A 322 9.90 3.56 -2.84
CA GLY A 322 8.75 4.22 -3.48
C GLY A 322 7.73 3.20 -3.90
N PHE A 323 6.47 3.61 -4.01
CA PHE A 323 5.35 2.81 -4.55
C PHE A 323 5.00 3.36 -5.94
N THR A 324 4.59 2.47 -6.83
CA THR A 324 4.01 2.84 -8.14
C THR A 324 2.99 3.98 -7.97
N GLY A 325 2.08 3.86 -6.99
CA GLY A 325 1.01 4.83 -6.78
C GLY A 325 1.44 6.07 -5.99
N SER A 326 2.69 6.15 -5.51
CA SER A 326 3.16 7.27 -4.66
C SER A 326 2.83 8.60 -5.38
N GLY A 327 1.91 9.36 -4.81
CA GLY A 327 1.53 10.69 -5.30
C GLY A 327 0.65 10.63 -6.53
N HIS A 328 -0.03 9.50 -6.77
CA HIS A 328 -0.86 9.28 -7.98
C HIS A 328 -1.62 10.57 -8.30
N PRO A 329 -1.57 11.05 -9.55
CA PRO A 329 -2.16 12.36 -9.87
C PRO A 329 -3.66 12.48 -9.58
N VAL A 330 -4.42 11.40 -9.78
CA VAL A 330 -5.87 11.43 -9.49
C VAL A 330 -6.07 11.45 -7.96
N ALA A 331 -5.33 10.63 -7.23
CA ALA A 331 -5.48 10.58 -5.76
C ALA A 331 -5.07 11.94 -5.17
N THR A 332 -3.99 12.54 -5.65
CA THR A 332 -3.48 13.82 -5.09
C THR A 332 -4.44 14.95 -5.49
N ALA A 333 -5.02 14.91 -6.70
CA ALA A 333 -5.93 15.97 -7.17
C ALA A 333 -7.20 15.94 -6.32
N VAL A 334 -7.72 14.75 -6.04
CA VAL A 334 -8.93 14.60 -5.20
C VAL A 334 -8.61 15.08 -3.78
N ALA A 335 -7.49 14.65 -3.20
CA ALA A 335 -7.16 15.08 -1.82
C ALA A 335 -7.03 16.61 -1.80
N LEU A 336 -6.40 17.22 -2.82
CA LEU A 336 -6.17 18.70 -2.83
C LEU A 336 -7.53 19.40 -2.76
N GLU A 337 -8.48 18.95 -3.57
CA GLU A 337 -9.84 19.55 -3.63
C GLU A 337 -10.55 19.29 -2.29
N ASN A 338 -10.39 18.08 -1.74
CA ASN A 338 -10.99 17.68 -0.44
C ASN A 338 -10.58 18.70 0.64
N LEU A 339 -9.30 18.99 0.76
CA LEU A 339 -8.75 19.88 1.83
C LEU A 339 -9.27 21.31 1.59
N LYS A 340 -9.37 21.73 0.33
CA LYS A 340 -9.94 23.06 0.00
C LYS A 340 -11.39 23.12 0.50
N ILE A 341 -12.18 22.08 0.30
CA ILE A 341 -13.61 22.07 0.70
C ILE A 341 -13.70 22.14 2.23
N ILE A 342 -12.88 21.35 2.93
CA ILE A 342 -12.88 21.35 4.42
C ILE A 342 -12.59 22.78 4.90
N GLU A 343 -11.62 23.45 4.28
CA GLU A 343 -11.27 24.85 4.66
C GLU A 343 -12.39 25.81 4.23
N GLU A 344 -12.90 25.74 3.00
CA GLU A 344 -13.88 26.73 2.49
C GLU A 344 -15.20 26.59 3.24
N GLU A 345 -15.56 25.40 3.70
CA GLU A 345 -16.89 25.17 4.34
C GLU A 345 -16.77 25.20 5.86
N SER A 346 -15.61 25.58 6.38
CA SER A 346 -15.33 25.67 7.84
C SER A 346 -15.82 24.38 8.53
N LEU A 347 -15.44 23.23 7.99
CA LEU A 347 -15.95 21.93 8.52
C LEU A 347 -15.25 21.55 9.83
N VAL A 348 -14.03 22.06 10.10
CA VAL A 348 -13.38 21.76 11.41
C VAL A 348 -14.31 22.32 12.50
N GLU A 349 -14.76 23.57 12.38
CA GLU A 349 -15.58 24.18 13.45
C GLU A 349 -16.99 23.54 13.45
N HIS A 350 -17.61 23.31 12.29
CA HIS A 350 -18.91 22.59 12.19
C HIS A 350 -18.82 21.22 12.87
N ALA A 351 -17.76 20.46 12.59
CA ALA A 351 -17.56 19.12 13.18
C ALA A 351 -17.47 19.24 14.70
N ALA A 352 -16.74 20.24 15.22
CA ALA A 352 -16.61 20.48 16.67
C ALA A 352 -18.00 20.69 17.28
N GLN A 353 -18.85 21.50 16.62
N GLN A 353 -18.85 21.50 16.62
CA GLN A 353 -20.22 21.81 17.10
CA GLN A 353 -20.23 21.81 17.07
C GLN A 353 -21.04 20.51 17.08
C GLN A 353 -21.05 20.51 17.08
N MET A 354 -21.00 19.76 15.98
CA MET A 354 -21.77 18.50 15.85
C MET A 354 -21.27 17.48 16.89
N GLY A 355 -19.97 17.49 17.17
CA GLY A 355 -19.35 16.63 18.20
C GLY A 355 -19.90 16.92 19.58
N GLN A 356 -20.16 18.18 19.92
CA GLN A 356 -20.73 18.55 21.24
C GLN A 356 -22.14 17.98 21.34
N LEU A 357 -22.91 18.07 20.27
CA LEU A 357 -24.30 17.55 20.22
C LEU A 357 -24.25 16.04 20.35
N LEU A 358 -23.30 15.38 19.68
CA LEU A 358 -23.20 13.90 19.69
C LEU A 358 -22.89 13.45 21.11
N ARG A 359 -21.86 14.03 21.70
CA ARG A 359 -21.37 13.63 23.04
C ARG A 359 -22.45 13.94 24.08
N SER A 360 -23.16 15.07 23.98
CA SER A 360 -24.22 15.41 24.96
C SER A 360 -25.40 14.45 24.79
N GLY A 361 -25.78 14.12 23.55
CA GLY A 361 -26.82 13.12 23.30
C GLY A 361 -26.46 11.78 23.93
N LEU A 362 -25.22 11.30 23.76
CA LEU A 362 -24.84 9.97 24.31
C LEU A 362 -24.80 10.04 25.83
N GLN A 363 -24.42 11.18 26.41
CA GLN A 363 -24.24 11.37 27.87
C GLN A 363 -25.58 11.16 28.60
N HIS A 364 -26.74 11.26 27.92
CA HIS A 364 -28.06 10.94 28.51
C HIS A 364 -28.08 9.49 29.02
N PHE A 365 -27.19 8.63 28.53
CA PHE A 365 -27.22 7.17 28.81
C PHE A 365 -26.16 6.82 29.84
N ILE A 366 -25.53 7.83 30.45
CA ILE A 366 -24.40 7.60 31.41
C ILE A 366 -24.84 6.72 32.58
N ASP A 367 -26.11 6.69 32.97
CA ASP A 367 -26.58 5.90 34.15
C ASP A 367 -27.30 4.62 33.70
N HIS A 368 -27.23 4.25 32.41
CA HIS A 368 -27.81 2.97 31.92
C HIS A 368 -27.04 1.81 32.53
N PRO A 369 -27.71 0.74 33.03
CA PRO A 369 -27.02 -0.35 33.72
C PRO A 369 -25.97 -1.09 32.86
N LEU A 370 -26.05 -1.04 31.53
CA LEU A 370 -25.05 -1.69 30.63
C LEU A 370 -23.95 -0.73 30.18
N VAL A 371 -24.04 0.55 30.52
CA VAL A 371 -23.04 1.54 30.05
C VAL A 371 -21.91 1.66 31.07
N GLY A 372 -20.70 1.23 30.68
CA GLY A 372 -19.49 1.33 31.50
C GLY A 372 -18.85 2.69 31.35
N GLU A 373 -18.73 3.20 30.13
CA GLU A 373 -18.03 4.49 29.90
C GLU A 373 -18.51 5.09 28.58
N ILE A 374 -18.66 6.41 28.58
CA ILE A 374 -18.89 7.19 27.35
C ILE A 374 -17.66 8.08 27.16
N ARG A 375 -16.99 7.91 26.03
CA ARG A 375 -15.74 8.67 25.81
C ARG A 375 -15.75 9.29 24.43
N GLY A 376 -14.94 10.31 24.24
CA GLY A 376 -15.02 11.04 22.98
C GLY A 376 -14.30 12.34 23.04
N CYS A 377 -14.10 12.92 21.88
CA CYS A 377 -13.41 14.19 21.68
C CYS A 377 -13.80 14.66 20.29
N GLY A 378 -14.17 15.92 20.08
CA GLY A 378 -14.59 16.35 18.75
C GLY A 378 -15.72 15.46 18.25
N LEU A 379 -15.59 14.94 17.02
CA LEU A 379 -16.67 14.19 16.36
C LEU A 379 -16.28 12.71 16.29
N ILE A 380 -15.58 12.24 17.32
CA ILE A 380 -15.35 10.79 17.53
C ILE A 380 -15.72 10.44 18.95
N ALA A 381 -16.50 9.36 19.13
CA ALA A 381 -17.00 8.93 20.44
C ALA A 381 -17.14 7.41 20.46
N ALA A 382 -17.25 6.84 21.65
CA ALA A 382 -17.56 5.42 21.87
C ALA A 382 -18.36 5.24 23.14
N VAL A 383 -19.26 4.27 23.14
CA VAL A 383 -19.96 3.84 24.36
C VAL A 383 -19.51 2.42 24.62
N GLU A 384 -18.81 2.22 25.73
CA GLU A 384 -18.34 0.86 26.12
C GLU A 384 -19.39 0.22 27.02
N LEU A 385 -19.98 -0.89 26.58
CA LEU A 385 -20.96 -1.66 27.38
C LEU A 385 -20.21 -2.67 28.25
N VAL A 386 -20.78 -2.96 29.42
CA VAL A 386 -20.23 -3.94 30.40
C VAL A 386 -21.38 -4.78 30.95
N GLY A 387 -21.05 -6.01 31.36
CA GLY A 387 -22.00 -6.92 32.03
C GLY A 387 -22.25 -6.48 33.47
N ASP A 388 -21.30 -5.76 34.07
CA ASP A 388 -21.42 -5.25 35.44
C ASP A 388 -20.60 -3.95 35.59
N ARG A 389 -21.25 -2.86 36.00
CA ARG A 389 -20.62 -1.51 36.07
C ARG A 389 -19.59 -1.47 37.20
N VAL A 390 -19.84 -2.14 38.31
CA VAL A 390 -18.90 -2.15 39.47
C VAL A 390 -17.61 -2.88 39.08
N SER A 391 -17.70 -4.15 38.65
CA SER A 391 -16.51 -4.96 38.28
C SER A 391 -15.93 -4.56 36.91
N LYS A 392 -16.72 -3.91 36.05
CA LYS A 392 -16.38 -3.55 34.64
C LYS A 392 -16.20 -4.81 33.79
N ALA A 393 -16.72 -5.95 34.27
CA ALA A 393 -16.58 -7.27 33.63
C ALA A 393 -17.52 -7.34 32.43
N PRO A 394 -17.16 -8.11 31.40
CA PRO A 394 -18.03 -8.22 30.21
C PRO A 394 -19.19 -9.17 30.52
N TYR A 395 -20.21 -9.15 29.67
CA TYR A 395 -21.24 -10.22 29.61
C TYR A 395 -20.65 -11.38 28.81
N GLN A 396 -20.53 -12.56 29.45
CA GLN A 396 -20.00 -13.84 28.89
C GLN A 396 -18.50 -13.71 28.61
N ALA A 397 -18.15 -12.88 27.64
CA ALA A 397 -16.77 -12.74 27.12
C ALA A 397 -16.66 -11.38 26.44
N LEU A 398 -15.47 -10.77 26.50
CA LEU A 398 -15.22 -9.46 25.85
C LEU A 398 -15.69 -9.56 24.40
N GLY A 399 -16.53 -8.63 23.95
CA GLY A 399 -16.98 -8.54 22.56
C GLY A 399 -18.41 -9.02 22.37
N THR A 400 -18.97 -9.77 23.32
CA THR A 400 -20.34 -10.33 23.18
C THR A 400 -21.37 -9.18 23.06
N LEU A 401 -21.31 -8.22 23.97
CA LEU A 401 -22.23 -7.05 23.91
C LEU A 401 -22.02 -6.21 22.64
N GLY A 402 -20.77 -5.91 22.32
CA GLY A 402 -20.40 -5.06 21.16
C GLY A 402 -20.91 -5.67 19.88
N ARG A 403 -20.76 -6.99 19.72
CA ARG A 403 -21.22 -7.69 18.50
C ARG A 403 -22.73 -7.54 18.37
N TYR A 404 -23.46 -7.82 19.45
CA TYR A 404 -24.93 -7.75 19.44
C TYR A 404 -25.38 -6.30 19.18
N MET A 405 -24.77 -5.34 19.86
CA MET A 405 -25.09 -3.89 19.70
C MET A 405 -24.91 -3.50 18.22
N ALA A 406 -23.77 -3.83 17.62
CA ALA A 406 -23.47 -3.40 16.23
C ALA A 406 -24.50 -4.01 15.27
N GLY A 407 -24.86 -5.26 15.51
CA GLY A 407 -25.95 -5.93 14.77
C GLY A 407 -27.28 -5.23 14.92
N ARG A 408 -27.66 -4.83 16.14
CA ARG A 408 -28.97 -4.15 16.36
C ARG A 408 -28.95 -2.78 15.68
N ALA A 409 -27.85 -2.06 15.78
CA ALA A 409 -27.68 -0.74 15.14
C ALA A 409 -27.96 -0.90 13.65
N GLN A 410 -27.39 -1.93 13.02
CA GLN A 410 -27.59 -2.20 11.58
C GLN A 410 -29.07 -2.44 11.31
N GLU A 411 -29.73 -3.25 12.14
CA GLU A 411 -31.18 -3.54 12.01
C GLU A 411 -31.94 -2.19 12.01
N HIS A 412 -31.50 -1.24 12.84
CA HIS A 412 -32.16 0.06 13.02
C HIS A 412 -31.63 1.09 12.01
N GLY A 413 -30.93 0.65 10.97
CA GLY A 413 -30.43 1.53 9.89
C GLY A 413 -29.25 2.39 10.30
N MET A 414 -28.30 1.83 11.04
CA MET A 414 -27.04 2.55 11.33
C MET A 414 -25.86 1.59 11.28
N ILE A 415 -24.84 1.96 10.52
CA ILE A 415 -23.57 1.17 10.52
C ILE A 415 -22.63 1.78 11.55
N THR A 416 -22.35 1.01 12.59
CA THR A 416 -21.34 1.33 13.63
C THR A 416 -20.27 0.23 13.56
N LEU A 417 -19.20 0.38 14.31
CA LEU A 417 -18.13 -0.65 14.40
C LEU A 417 -18.03 -1.01 15.87
N ALA A 418 -18.02 -2.31 16.16
CA ALA A 418 -17.76 -2.80 17.54
C ALA A 418 -16.25 -2.89 17.71
N MET A 419 -15.74 -2.35 18.80
CA MET A 419 -14.32 -2.45 19.17
C MET A 419 -14.35 -3.09 20.57
N GLY A 420 -14.23 -4.43 20.60
CA GLY A 420 -14.62 -5.21 21.79
C GLY A 420 -16.06 -4.90 22.13
N ASP A 421 -16.33 -4.39 23.33
CA ASP A 421 -17.71 -4.10 23.78
C ASP A 421 -18.01 -2.61 23.67
N ALA A 422 -17.18 -1.85 22.95
CA ALA A 422 -17.44 -0.42 22.64
C ALA A 422 -18.09 -0.34 21.25
N VAL A 423 -19.12 0.48 21.09
CA VAL A 423 -19.60 0.87 19.73
C VAL A 423 -19.11 2.31 19.45
N ALA A 424 -18.55 2.49 18.26
CA ALA A 424 -17.90 3.75 17.86
C ALA A 424 -18.87 4.64 17.08
N PHE A 425 -18.60 5.94 17.14
CA PHE A 425 -19.27 6.99 16.35
C PHE A 425 -18.17 7.85 15.74
N CYS A 426 -18.20 7.99 14.43
CA CYS A 426 -17.21 8.75 13.65
C CYS A 426 -17.87 9.20 12.35
N PRO A 427 -18.97 9.98 12.44
CA PRO A 427 -19.74 10.33 11.27
C PRO A 427 -19.00 11.25 10.31
N PRO A 428 -19.48 11.37 9.05
CA PRO A 428 -18.91 12.39 8.17
C PRO A 428 -18.98 13.77 8.84
N LEU A 429 -17.98 14.59 8.58
CA LEU A 429 -17.87 15.97 9.12
C LEU A 429 -19.10 16.79 8.72
N ILE A 430 -19.77 16.44 7.62
CA ILE A 430 -20.95 17.19 7.06
C ILE A 430 -22.27 16.81 7.76
N VAL A 431 -22.23 15.92 8.74
CA VAL A 431 -23.43 15.54 9.52
C VAL A 431 -24.09 16.82 10.06
N ASN A 432 -25.41 16.87 10.02
CA ASN A 432 -26.22 17.99 10.56
C ASN A 432 -26.83 17.60 11.90
N GLU A 433 -27.47 18.56 12.58
CA GLU A 433 -27.91 18.40 13.99
C GLU A 433 -28.93 17.28 14.09
N GLN A 434 -29.94 17.27 13.23
CA GLN A 434 -31.00 16.23 13.36
C GLN A 434 -30.36 14.87 13.02
N GLU A 435 -29.37 14.82 12.13
CA GLU A 435 -28.67 13.56 11.77
C GLU A 435 -27.94 13.04 13.02
N VAL A 436 -27.28 13.92 13.78
CA VAL A 436 -26.65 13.52 15.07
C VAL A 436 -27.74 12.94 15.98
N GLY A 437 -28.90 13.59 16.03
CA GLY A 437 -30.06 13.13 16.83
C GLY A 437 -30.50 11.74 16.40
N MET A 438 -30.51 11.47 15.11
CA MET A 438 -30.92 10.14 14.56
C MET A 438 -29.87 9.11 14.92
N ILE A 439 -28.59 9.48 14.92
CA ILE A 439 -27.49 8.55 15.31
C ILE A 439 -27.72 8.13 16.76
N VAL A 440 -27.99 9.07 17.65
CA VAL A 440 -28.19 8.80 19.09
C VAL A 440 -29.46 7.96 19.26
N GLU A 441 -30.53 8.29 18.53
CA GLU A 441 -31.80 7.53 18.53
C GLU A 441 -31.53 6.07 18.14
N ARG A 442 -30.73 5.83 17.12
CA ARG A 442 -30.53 4.44 16.62
C ARG A 442 -29.63 3.69 17.61
N PHE A 443 -28.67 4.39 18.21
CA PHE A 443 -27.90 3.89 19.36
C PHE A 443 -28.87 3.48 20.48
N ALA A 444 -29.83 4.34 20.82
CA ALA A 444 -30.79 4.10 21.92
C ALA A 444 -31.62 2.84 21.63
N ARG A 445 -32.11 2.68 20.39
CA ARG A 445 -32.88 1.48 19.99
C ARG A 445 -32.02 0.23 20.15
N ALA A 446 -30.78 0.29 19.70
CA ALA A 446 -29.83 -0.84 19.77
C ALA A 446 -29.58 -1.19 21.24
N LEU A 447 -29.46 -0.17 22.09
CA LEU A 447 -29.16 -0.38 23.52
C LEU A 447 -30.39 -0.99 24.19
N ASP A 448 -31.57 -0.50 23.84
CA ASP A 448 -32.85 -1.05 24.36
C ASP A 448 -32.90 -2.54 24.00
N ASP A 449 -32.73 -2.88 22.71
CA ASP A 449 -32.70 -4.28 22.24
C ASP A 449 -31.65 -5.08 23.03
N THR A 450 -30.45 -4.55 23.24
CA THR A 450 -29.33 -5.26 23.90
C THR A 450 -29.73 -5.53 25.36
N THR A 451 -30.36 -4.56 25.99
CA THR A 451 -30.84 -4.64 27.39
C THR A 451 -31.88 -5.77 27.52
N GLN A 452 -32.87 -5.81 26.63
CA GLN A 452 -33.93 -6.86 26.61
C GLN A 452 -33.26 -8.23 26.36
N TRP A 453 -32.24 -8.27 25.49
CA TRP A 453 -31.52 -9.51 25.12
C TRP A 453 -30.78 -10.07 26.33
N VAL A 454 -30.07 -9.21 27.07
CA VAL A 454 -29.25 -9.66 28.24
C VAL A 454 -30.21 -10.00 29.38
N GLY A 455 -31.36 -9.32 29.44
CA GLY A 455 -32.61 -9.78 30.10
C GLY A 455 -32.49 -9.87 31.61
N SER B 7 7.59 29.24 -8.73
CA SER B 7 7.28 28.35 -9.92
C SER B 7 6.93 26.96 -9.40
N LEU B 8 6.23 26.17 -10.21
CA LEU B 8 5.84 24.79 -9.86
C LEU B 8 7.10 23.97 -9.52
N ALA B 9 8.19 24.15 -10.28
CA ALA B 9 9.46 23.41 -10.08
C ALA B 9 10.06 23.76 -8.72
N GLU B 10 10.00 25.03 -8.31
CA GLU B 10 10.56 25.44 -7.00
C GLU B 10 9.72 24.82 -5.87
N LYS B 11 8.41 24.80 -6.03
CA LYS B 11 7.51 24.24 -4.99
C LYS B 11 7.81 22.73 -4.85
N ASP B 12 8.04 22.05 -5.98
CA ASP B 12 8.41 20.61 -5.99
C ASP B 12 9.68 20.41 -5.16
N ILE B 13 10.70 21.22 -5.42
CA ILE B 13 11.99 21.10 -4.69
C ILE B 13 11.78 21.38 -3.20
N GLN B 14 10.93 22.38 -2.89
CA GLN B 14 10.71 22.86 -1.50
C GLN B 14 9.98 21.80 -0.68
N TYR B 15 9.06 21.05 -1.29
CA TYR B 15 7.98 20.36 -0.52
C TYR B 15 7.95 18.84 -0.72
N GLN B 16 8.52 18.29 -1.80
CA GLN B 16 8.35 16.83 -2.08
C GLN B 16 9.66 16.08 -1.97
N LEU B 17 9.67 15.02 -1.16
CA LEU B 17 10.74 14.01 -1.19
C LEU B 17 10.34 12.98 -2.24
N HIS B 18 11.15 12.81 -3.27
CA HIS B 18 10.87 11.92 -4.42
C HIS B 18 11.35 10.51 -4.14
N PRO B 19 10.55 9.50 -4.56
CA PRO B 19 11.02 8.12 -4.52
C PRO B 19 12.13 7.93 -5.58
N TYR B 20 13.04 7.00 -5.31
CA TYR B 20 14.05 6.52 -6.28
C TYR B 20 14.70 7.73 -6.94
N THR B 21 15.06 8.69 -6.10
CA THR B 21 15.69 9.97 -6.50
C THR B 21 16.81 10.30 -5.51
N ASN B 22 17.93 10.83 -6.01
CA ASN B 22 18.99 11.44 -5.16
C ASN B 22 18.44 12.80 -4.71
N ALA B 23 18.08 12.96 -3.43
CA ALA B 23 17.32 14.12 -2.95
C ALA B 23 18.17 15.42 -3.12
N ARG B 24 19.49 15.31 -2.97
CA ARG B 24 20.41 16.47 -3.09
C ARG B 24 20.47 16.88 -4.57
N LEU B 25 20.72 15.93 -5.47
CA LEU B 25 20.73 16.20 -6.93
C LEU B 25 19.38 16.82 -7.32
N HIS B 26 18.27 16.37 -6.73
CA HIS B 26 16.92 16.92 -7.03
C HIS B 26 16.86 18.43 -6.66
N GLN B 27 17.48 18.81 -5.54
CA GLN B 27 17.48 20.21 -5.09
C GLN B 27 18.25 21.05 -6.10
N GLU B 28 19.32 20.49 -6.66
CA GLU B 28 20.16 21.14 -7.71
C GLU B 28 19.38 21.20 -9.03
N LEU B 29 18.93 20.08 -9.59
CA LEU B 29 18.36 20.02 -10.98
C LEU B 29 16.86 20.31 -11.00
N GLY B 30 16.13 20.00 -9.93
CA GLY B 30 14.66 20.13 -9.93
C GLY B 30 14.01 19.05 -10.80
N PRO B 31 12.67 19.07 -10.89
CA PRO B 31 11.96 18.01 -11.60
C PRO B 31 11.87 18.20 -13.12
N LEU B 32 11.53 17.12 -13.81
CA LEU B 32 10.85 17.19 -15.12
C LEU B 32 9.35 17.02 -14.86
N ILE B 33 8.60 18.11 -15.03
CA ILE B 33 7.15 18.14 -14.73
C ILE B 33 6.36 17.68 -15.94
N ILE B 34 5.60 16.61 -15.76
CA ILE B 34 4.72 16.05 -16.82
C ILE B 34 3.33 16.65 -16.59
N GLU B 35 2.75 17.24 -17.64
CA GLU B 35 1.50 18.01 -17.52
C GLU B 35 0.30 17.18 -17.96
N ARG B 36 0.41 16.47 -19.09
CA ARG B 36 -0.74 15.78 -19.72
C ARG B 36 -0.24 14.61 -20.55
N GLY B 37 -1.16 13.74 -20.92
CA GLY B 37 -0.91 12.57 -21.76
C GLY B 37 -2.12 12.24 -22.61
N GLN B 38 -1.89 11.56 -23.73
CA GLN B 38 -2.93 10.92 -24.55
C GLN B 38 -2.27 9.79 -25.33
N GLY B 39 -3.02 8.71 -25.58
CA GLY B 39 -2.49 7.49 -26.23
C GLY B 39 -1.18 7.08 -25.57
N ILE B 40 -0.08 6.95 -26.32
CA ILE B 40 1.21 6.46 -25.75
C ILE B 40 2.08 7.65 -25.34
N TYR B 41 1.57 8.89 -25.42
CA TYR B 41 2.34 10.13 -25.28
C TYR B 41 2.10 10.81 -23.93
N VAL B 42 3.16 11.41 -23.41
CA VAL B 42 3.06 12.41 -22.31
C VAL B 42 3.80 13.66 -22.77
N TYR B 43 3.42 14.80 -22.18
CA TYR B 43 3.93 16.14 -22.55
C TYR B 43 4.40 16.82 -21.27
N ASP B 44 5.58 17.42 -21.29
CA ASP B 44 6.10 18.18 -20.14
C ASP B 44 5.48 19.58 -20.14
N ASP B 45 5.79 20.38 -19.14
CA ASP B 45 5.16 21.71 -18.94
C ASP B 45 5.73 22.71 -19.96
N GLN B 46 6.72 22.34 -20.78
CA GLN B 46 7.21 23.19 -21.90
C GLN B 46 6.50 22.79 -23.20
N GLY B 47 5.59 21.81 -23.16
CA GLY B 47 4.85 21.32 -24.34
C GLY B 47 5.63 20.28 -25.16
N LYS B 48 6.82 19.85 -24.73
CA LYS B 48 7.57 18.78 -25.44
C LYS B 48 6.88 17.42 -25.22
N GLY B 49 6.61 16.71 -26.31
CA GLY B 49 5.96 15.39 -26.31
C GLY B 49 6.98 14.25 -26.23
N TYR B 50 6.62 13.19 -25.54
CA TYR B 50 7.46 12.00 -25.36
C TYR B 50 6.60 10.75 -25.58
N ILE B 51 7.11 9.79 -26.35
CA ILE B 51 6.57 8.41 -26.28
C ILE B 51 6.94 7.85 -24.91
N GLU B 52 5.92 7.40 -24.17
CA GLU B 52 6.12 6.72 -22.87
C GLU B 52 6.35 5.24 -23.19
N ALA B 53 7.60 4.95 -23.56
CA ALA B 53 8.05 3.61 -24.01
C ALA B 53 8.04 2.65 -22.81
N MET B 54 7.87 3.16 -21.59
CA MET B 54 7.78 2.34 -20.36
C MET B 54 6.33 2.18 -19.90
N ALA B 55 5.37 2.80 -20.60
CA ALA B 55 3.97 2.84 -20.13
C ALA B 55 3.95 3.27 -18.65
N GLY B 56 4.65 4.36 -18.34
CA GLY B 56 4.76 4.89 -16.98
C GLY B 56 5.73 4.01 -16.18
N LEU B 57 5.20 3.12 -15.36
CA LEU B 57 6.02 2.13 -14.59
C LEU B 57 5.62 0.73 -15.03
N MET B 58 5.74 0.46 -16.33
CA MET B 58 5.46 -0.85 -16.93
C MET B 58 3.99 -1.21 -16.65
N SER B 59 3.09 -0.22 -16.70
CA SER B 59 1.77 -0.32 -16.06
C SER B 59 0.60 0.23 -16.92
N VAL B 60 0.80 1.25 -17.74
CA VAL B 60 -0.32 2.00 -18.40
C VAL B 60 -0.70 1.27 -19.69
N ALA B 61 -1.34 0.12 -19.54
CA ALA B 61 -1.65 -0.83 -20.63
C ALA B 61 -2.46 -0.12 -21.72
N LEU B 62 -3.48 0.67 -21.36
CA LEU B 62 -4.45 1.23 -22.34
C LEU B 62 -4.07 2.65 -22.70
N GLY B 63 -2.86 3.08 -22.34
CA GLY B 63 -2.36 4.43 -22.63
C GLY B 63 -3.07 5.49 -21.78
N PHE B 64 -2.81 6.76 -22.08
CA PHE B 64 -3.02 7.90 -21.15
C PHE B 64 -4.34 8.62 -21.40
N SER B 65 -5.25 8.10 -22.24
CA SER B 65 -6.54 8.79 -22.53
C SER B 65 -7.62 7.79 -22.92
N ASN B 66 -7.72 6.68 -22.20
CA ASN B 66 -8.80 5.69 -22.42
C ASN B 66 -10.09 6.18 -21.77
N GLN B 67 -11.09 6.56 -22.57
CA GLN B 67 -12.28 7.27 -22.06
C GLN B 67 -13.18 6.26 -21.34
N ARG B 68 -13.16 5.00 -21.74
CA ARG B 68 -13.96 3.95 -21.08
C ARG B 68 -13.54 3.84 -19.60
N LEU B 69 -12.25 3.89 -19.29
CA LEU B 69 -11.78 3.79 -17.89
C LEU B 69 -12.27 5.04 -17.12
N ILE B 70 -12.18 6.21 -17.75
CA ILE B 70 -12.47 7.52 -17.10
C ILE B 70 -13.97 7.56 -16.79
N LYS B 71 -14.80 7.06 -17.72
CA LYS B 71 -16.27 6.98 -17.53
C LYS B 71 -16.63 5.91 -16.50
N ALA B 72 -15.96 4.75 -16.47
CA ALA B 72 -16.21 3.70 -15.44
C ALA B 72 -15.98 4.30 -14.04
N ALA B 73 -14.94 5.12 -13.88
CA ALA B 73 -14.62 5.77 -12.60
C ALA B 73 -15.76 6.72 -12.23
N GLU B 74 -16.16 7.56 -13.19
CA GLU B 74 -17.24 8.55 -12.96
C GLU B 74 -18.50 7.81 -12.52
N GLN B 75 -18.89 6.76 -13.23
CA GLN B 75 -20.15 6.04 -12.93
C GLN B 75 -20.05 5.46 -11.52
N GLN B 76 -18.88 4.97 -11.11
CA GLN B 76 -18.76 4.40 -9.75
C GLN B 76 -18.75 5.53 -8.71
N PHE B 77 -18.03 6.62 -8.98
CA PHE B 77 -18.02 7.79 -8.08
C PHE B 77 -19.46 8.22 -7.77
N ASN B 78 -20.30 8.29 -8.81
CA ASN B 78 -21.69 8.83 -8.69
C ASN B 78 -22.60 7.78 -8.08
N THR B 79 -22.14 6.53 -7.92
CA THR B 79 -22.91 5.44 -7.28
C THR B 79 -22.49 5.34 -5.80
N LEU B 80 -21.23 5.00 -5.57
CA LEU B 80 -20.66 4.67 -4.24
C LEU B 80 -19.16 4.92 -4.31
N PRO B 81 -18.71 6.12 -3.90
CA PRO B 81 -17.32 6.52 -4.14
C PRO B 81 -16.31 5.90 -3.16
N PHE B 82 -16.80 5.36 -2.06
CA PHE B 82 -15.97 4.54 -1.13
C PHE B 82 -16.86 3.54 -0.41
N TYR B 83 -16.35 2.33 -0.25
CA TYR B 83 -16.84 1.40 0.79
C TYR B 83 -15.72 0.38 1.02
N HIS B 84 -15.92 -0.50 1.98
CA HIS B 84 -14.88 -1.44 2.44
C HIS B 84 -15.43 -2.86 2.38
N LEU B 85 -14.58 -3.83 2.71
CA LEU B 85 -14.92 -5.25 2.62
C LEU B 85 -14.86 -5.88 4.01
N LEU B 86 -14.73 -5.09 5.08
CA LEU B 86 -14.57 -5.65 6.45
C LEU B 86 -15.89 -6.23 6.94
N ASN B 87 -15.81 -7.20 7.86
CA ASN B 87 -16.98 -7.69 8.61
C ASN B 87 -18.13 -8.03 7.66
N HIS B 88 -17.86 -8.74 6.56
CA HIS B 88 -18.91 -9.28 5.62
C HIS B 88 -19.44 -8.18 4.69
N LYS B 89 -19.05 -6.91 4.85
CA LYS B 89 -19.48 -5.86 3.91
C LYS B 89 -18.92 -6.17 2.52
N SER B 90 -19.66 -5.89 1.46
CA SER B 90 -19.16 -6.05 0.09
C SER B 90 -19.81 -5.04 -0.83
N HIS B 91 -19.37 -5.06 -2.08
CA HIS B 91 -19.91 -4.20 -3.14
C HIS B 91 -19.66 -4.86 -4.47
N ARG B 92 -20.50 -4.52 -5.45
CA ARG B 92 -20.57 -5.17 -6.78
C ARG B 92 -19.23 -5.13 -7.50
N PRO B 93 -18.55 -3.96 -7.65
CA PRO B 93 -17.31 -3.94 -8.44
C PRO B 93 -16.24 -4.92 -7.90
N SER B 94 -16.09 -5.03 -6.58
CA SER B 94 -15.11 -5.98 -6.00
C SER B 94 -15.51 -7.41 -6.35
N ILE B 95 -16.80 -7.73 -6.22
CA ILE B 95 -17.33 -9.09 -6.51
C ILE B 95 -17.10 -9.43 -7.99
N GLU B 96 -17.52 -8.57 -8.90
CA GLU B 96 -17.42 -8.84 -10.35
C GLU B 96 -15.94 -8.86 -10.78
N LEU B 97 -15.09 -8.03 -10.18
CA LEU B 97 -13.64 -8.12 -10.49
C LEU B 97 -13.09 -9.44 -9.95
N ALA B 98 -13.47 -9.84 -8.75
CA ALA B 98 -12.94 -11.08 -8.14
C ALA B 98 -13.33 -12.27 -9.05
N GLU B 99 -14.57 -12.30 -9.51
CA GLU B 99 -15.08 -13.35 -10.44
C GLU B 99 -14.25 -13.37 -11.74
N LYS B 100 -14.08 -12.23 -12.40
CA LYS B 100 -13.32 -12.11 -13.67
C LYS B 100 -11.92 -12.66 -13.47
N LEU B 101 -11.28 -12.32 -12.35
CA LEU B 101 -9.87 -12.69 -12.07
C LEU B 101 -9.77 -14.19 -11.86
N ILE B 102 -10.67 -14.75 -11.07
CA ILE B 102 -10.65 -16.22 -10.80
C ILE B 102 -10.92 -16.94 -12.13
N GLU B 103 -11.85 -16.45 -12.94
CA GLU B 103 -12.30 -17.22 -14.12
C GLU B 103 -11.23 -17.12 -15.21
N MET B 104 -10.41 -16.07 -15.21
CA MET B 104 -9.35 -15.94 -16.25
C MET B 104 -8.03 -16.54 -15.75
N ALA B 105 -7.95 -17.03 -14.51
CA ALA B 105 -6.68 -17.48 -13.93
C ALA B 105 -6.12 -18.63 -14.77
N PRO B 106 -4.79 -18.73 -14.92
CA PRO B 106 -4.18 -19.76 -15.76
C PRO B 106 -4.17 -21.15 -15.10
N VAL B 107 -4.32 -21.20 -13.78
CA VAL B 107 -4.52 -22.46 -12.99
C VAL B 107 -5.74 -22.26 -12.11
N PRO B 108 -6.38 -23.35 -11.63
CA PRO B 108 -7.54 -23.21 -10.74
C PRO B 108 -7.19 -22.37 -9.51
N MET B 109 -7.91 -21.29 -9.31
CA MET B 109 -7.75 -20.44 -8.10
C MET B 109 -9.09 -20.37 -7.36
N SER B 110 -9.02 -20.15 -6.05
CA SER B 110 -10.16 -20.14 -5.10
C SER B 110 -10.65 -18.71 -4.86
N LYS B 111 -9.79 -17.82 -4.35
CA LYS B 111 -10.24 -16.51 -3.81
C LYS B 111 -9.29 -15.38 -4.24
N VAL B 112 -9.85 -14.18 -4.32
CA VAL B 112 -9.10 -12.90 -4.47
C VAL B 112 -9.08 -12.15 -3.14
N PHE B 113 -7.92 -11.59 -2.79
CA PHE B 113 -7.80 -10.60 -1.70
C PHE B 113 -7.18 -9.35 -2.32
N PHE B 114 -7.84 -8.20 -2.15
CA PHE B 114 -7.42 -6.93 -2.77
C PHE B 114 -6.55 -6.13 -1.80
N THR B 115 -5.58 -5.43 -2.38
CA THR B 115 -4.74 -4.42 -1.70
C THR B 115 -4.63 -3.20 -2.61
N ASN B 116 -3.94 -2.16 -2.13
CA ASN B 116 -3.71 -0.93 -2.94
C ASN B 116 -2.50 -1.15 -3.85
N SER B 117 -1.46 -1.84 -3.36
CA SER B 117 -0.16 -1.88 -4.07
C SER B 117 0.37 -3.30 -4.20
N GLY B 118 1.28 -3.49 -5.16
CA GLY B 118 2.07 -4.73 -5.29
C GLY B 118 2.84 -4.99 -4.02
N SER B 119 3.40 -3.95 -3.39
CA SER B 119 4.22 -4.07 -2.16
C SER B 119 3.30 -4.59 -1.05
N GLU B 120 2.14 -3.99 -0.88
CA GLU B 120 1.15 -4.44 0.15
C GLU B 120 0.74 -5.88 -0.14
N ALA B 121 0.55 -6.23 -1.41
CA ALA B 121 0.11 -7.57 -1.83
C ALA B 121 1.18 -8.59 -1.42
N ASN B 122 2.45 -8.38 -1.76
CA ASN B 122 3.53 -9.34 -1.42
C ASN B 122 3.73 -9.41 0.09
N ASP B 123 3.67 -8.27 0.79
CA ASP B 123 3.69 -8.20 2.26
C ASP B 123 2.54 -9.04 2.82
N THR B 124 1.37 -8.94 2.22
CA THR B 124 0.14 -9.69 2.67
C THR B 124 0.36 -11.18 2.40
N VAL B 125 0.96 -11.53 1.27
CA VAL B 125 1.25 -12.96 0.94
C VAL B 125 2.16 -13.52 2.01
N VAL B 126 3.19 -12.78 2.44
CA VAL B 126 4.08 -13.23 3.54
C VAL B 126 3.23 -13.57 4.76
N LYS B 127 2.41 -12.62 5.23
CA LYS B 127 1.55 -12.81 6.42
C LYS B 127 0.62 -14.02 6.22
N PHE B 128 0.06 -14.18 5.03
CA PHE B 128 -0.98 -15.20 4.78
C PHE B 128 -0.31 -16.59 4.78
N VAL B 129 0.94 -16.66 4.31
CA VAL B 129 1.70 -17.94 4.27
C VAL B 129 2.06 -18.34 5.70
N TRP B 130 2.51 -17.38 6.52
CA TRP B 130 2.80 -17.61 7.94
C TRP B 130 1.52 -18.07 8.67
N TYR B 131 0.41 -17.39 8.41
CA TYR B 131 -0.93 -17.70 8.98
C TYR B 131 -1.31 -19.12 8.55
N LEU B 132 -1.21 -19.43 7.26
CA LEU B 132 -1.54 -20.75 6.66
C LEU B 132 -0.76 -21.87 7.37
N ASN B 133 0.56 -21.75 7.49
CA ASN B 133 1.40 -22.85 8.06
C ASN B 133 1.16 -22.95 9.57
N ASN B 134 0.87 -21.86 10.26
CA ASN B 134 0.37 -21.92 11.65
C ASN B 134 -0.97 -22.70 11.67
N ALA B 135 -1.89 -22.40 10.76
CA ALA B 135 -3.20 -23.07 10.64
C ALA B 135 -3.02 -24.59 10.42
N LEU B 136 -2.01 -24.98 9.63
CA LEU B 136 -1.73 -26.39 9.26
C LEU B 136 -0.90 -27.11 10.33
N GLY B 137 -0.53 -26.41 11.41
CA GLY B 137 0.33 -26.95 12.47
C GLY B 137 1.75 -27.17 11.98
N LYS B 138 2.30 -26.29 11.15
CA LYS B 138 3.71 -26.36 10.69
C LYS B 138 4.38 -25.07 11.07
N PRO B 139 4.53 -24.75 12.37
CA PRO B 139 4.94 -23.42 12.80
C PRO B 139 6.37 -23.03 12.44
N ALA B 140 7.19 -24.01 12.06
CA ALA B 140 8.58 -23.75 11.62
C ALA B 140 8.61 -23.37 10.12
N LYS B 141 7.57 -23.71 9.35
CA LYS B 141 7.55 -23.61 7.87
C LYS B 141 7.17 -22.16 7.53
N LYS B 142 8.14 -21.25 7.65
CA LYS B 142 7.99 -19.78 7.60
C LYS B 142 8.99 -19.05 6.70
N LYS B 143 10.05 -19.69 6.20
CA LYS B 143 11.11 -18.96 5.45
C LYS B 143 10.67 -18.75 4.01
N PHE B 144 11.08 -17.63 3.44
CA PHE B 144 10.85 -17.30 2.02
C PHE B 144 12.17 -17.35 1.27
N ILE B 145 12.13 -17.91 0.08
CA ILE B 145 13.28 -17.91 -0.86
C ILE B 145 12.88 -17.06 -2.07
N SER B 146 13.63 -16.00 -2.35
CA SER B 146 13.49 -15.19 -3.58
C SER B 146 14.83 -15.22 -4.31
N ARG B 147 14.99 -14.43 -5.37
CA ARG B 147 16.23 -14.39 -6.18
C ARG B 147 16.93 -13.03 -6.13
N VAL B 148 18.24 -13.07 -6.27
CA VAL B 148 19.07 -11.85 -6.54
C VAL B 148 18.45 -11.10 -7.73
N ASN B 149 18.31 -9.78 -7.60
CA ASN B 149 17.84 -8.86 -8.66
C ASN B 149 16.32 -9.00 -8.88
N GLY B 150 15.63 -9.84 -8.09
CA GLY B 150 14.17 -9.87 -8.12
C GLY B 150 13.61 -8.58 -7.54
N TYR B 151 12.42 -8.18 -7.95
CA TYR B 151 11.76 -7.01 -7.33
C TYR B 151 10.31 -7.39 -6.93
N HIS B 152 9.99 -7.17 -5.67
CA HIS B 152 8.68 -7.58 -5.05
C HIS B 152 8.12 -6.46 -4.19
N GLY B 153 8.72 -5.27 -4.23
CA GLY B 153 8.19 -4.10 -3.52
C GLY B 153 9.11 -3.62 -2.40
N VAL B 154 8.60 -2.71 -1.60
CA VAL B 154 9.44 -1.83 -0.75
C VAL B 154 8.99 -1.82 0.71
N THR B 155 8.01 -2.63 1.14
CA THR B 155 7.73 -2.68 2.60
C THR B 155 8.92 -3.38 3.27
N VAL B 156 9.03 -3.27 4.59
CA VAL B 156 10.10 -3.96 5.37
C VAL B 156 10.14 -5.42 4.89
N ALA B 157 9.00 -6.11 4.81
CA ALA B 157 8.96 -7.53 4.34
C ALA B 157 9.14 -7.65 2.83
N SER B 158 8.41 -6.90 2.00
CA SER B 158 8.47 -7.11 0.53
C SER B 158 9.85 -6.67 -0.01
N ALA B 159 10.49 -5.66 0.59
CA ALA B 159 11.88 -5.25 0.24
C ALA B 159 12.89 -6.30 0.72
N SER B 160 12.52 -7.19 1.65
CA SER B 160 13.37 -8.33 2.07
C SER B 160 13.27 -9.42 1.01
N LEU B 161 12.10 -9.57 0.39
CA LEU B 161 11.88 -10.46 -0.77
C LEU B 161 12.67 -9.93 -1.97
N THR B 162 12.59 -8.62 -2.21
CA THR B 162 13.34 -7.93 -3.30
C THR B 162 14.83 -8.31 -3.16
N GLY B 163 15.48 -8.58 -4.30
CA GLY B 163 16.89 -9.02 -4.36
C GLY B 163 17.82 -7.97 -4.94
N LEU B 164 17.36 -6.72 -5.09
CA LEU B 164 18.21 -5.60 -5.53
C LEU B 164 18.86 -4.96 -4.31
N PRO B 165 20.21 -4.90 -4.27
CA PRO B 165 20.93 -4.23 -3.19
C PRO B 165 20.45 -2.80 -2.88
N GLY B 166 20.09 -2.00 -3.88
CA GLY B 166 19.64 -0.61 -3.70
C GLY B 166 18.37 -0.53 -2.87
N ASN B 167 17.59 -1.61 -2.81
CA ASN B 167 16.35 -1.69 -1.98
C ASN B 167 16.67 -2.10 -0.53
N GLN B 168 17.90 -2.54 -0.24
CA GLN B 168 18.25 -3.11 1.10
C GLN B 168 19.32 -2.26 1.79
N ARG B 169 20.29 -1.75 1.02
CA ARG B 169 21.46 -1.00 1.57
C ARG B 169 20.95 0.19 2.37
N GLY B 170 21.36 0.28 3.63
CA GLY B 170 20.99 1.37 4.54
C GLY B 170 19.66 1.15 5.23
N PHE B 171 18.92 0.08 4.91
CA PHE B 171 17.55 -0.17 5.45
C PHE B 171 17.54 -1.35 6.43
N ASP B 172 18.71 -1.90 6.75
CA ASP B 172 18.87 -3.07 7.66
C ASP B 172 18.05 -4.26 7.14
N LEU B 173 18.01 -4.45 5.82
CA LEU B 173 17.27 -5.55 5.16
C LEU B 173 18.29 -6.45 4.48
N PRO B 174 17.96 -7.73 4.20
CA PRO B 174 16.64 -8.30 4.49
C PRO B 174 16.46 -8.66 5.96
N LEU B 175 15.20 -8.81 6.38
CA LEU B 175 14.88 -9.42 7.69
C LEU B 175 15.44 -10.85 7.73
N PRO B 176 15.70 -11.41 8.93
CA PRO B 176 15.89 -12.84 9.08
C PRO B 176 14.74 -13.67 8.47
N GLY B 177 15.08 -14.80 7.85
CA GLY B 177 14.12 -15.76 7.28
C GLY B 177 13.78 -15.46 5.83
N PHE B 178 14.40 -14.42 5.26
CA PHE B 178 14.24 -14.01 3.84
C PHE B 178 15.54 -14.32 3.10
N LEU B 179 15.52 -15.39 2.32
CA LEU B 179 16.69 -16.00 1.68
C LEU B 179 16.68 -15.67 0.18
N HIS B 180 17.86 -15.60 -0.41
CA HIS B 180 18.03 -15.31 -1.86
C HIS B 180 18.91 -16.37 -2.48
N VAL B 181 18.46 -16.89 -3.60
CA VAL B 181 19.24 -17.77 -4.50
C VAL B 181 19.50 -16.97 -5.77
N GLY B 182 20.05 -17.62 -6.79
CA GLY B 182 20.76 -16.96 -7.89
C GLY B 182 19.81 -16.23 -8.81
N CYS B 183 20.26 -15.12 -9.36
CA CYS B 183 19.59 -14.44 -10.49
C CYS B 183 19.69 -15.33 -11.73
N PRO B 184 18.54 -15.73 -12.34
CA PRO B 184 18.55 -16.59 -13.49
C PRO B 184 18.75 -15.81 -14.79
N HIS B 185 19.95 -15.23 -14.93
CA HIS B 185 20.36 -14.47 -16.12
C HIS B 185 21.60 -15.14 -16.72
N HIS B 186 21.40 -15.93 -17.77
CA HIS B 186 22.43 -16.72 -18.47
C HIS B 186 23.59 -15.81 -18.85
N TYR B 187 23.30 -14.66 -19.47
CA TYR B 187 24.34 -13.77 -20.03
C TYR B 187 25.34 -13.36 -18.94
N ARG B 188 24.87 -13.18 -17.72
CA ARG B 188 25.66 -12.61 -16.60
C ARG B 188 26.17 -13.71 -15.67
N PHE B 189 25.49 -14.85 -15.51
CA PHE B 189 25.73 -15.75 -14.35
C PHE B 189 26.02 -17.19 -14.79
N ALA B 190 25.88 -17.53 -16.07
CA ALA B 190 26.25 -18.86 -16.57
C ALA B 190 27.77 -19.01 -16.49
N LEU B 191 28.24 -20.25 -16.31
CA LEU B 191 29.71 -20.52 -16.38
C LEU B 191 30.06 -20.41 -17.87
N ALA B 192 31.26 -19.92 -18.23
CA ALA B 192 31.69 -19.83 -19.65
C ALA B 192 31.38 -21.18 -20.30
N GLY B 193 30.64 -21.18 -21.41
CA GLY B 193 30.31 -22.39 -22.19
C GLY B 193 29.27 -23.31 -21.54
N GLU B 194 28.48 -22.82 -20.59
CA GLU B 194 27.35 -23.58 -19.95
C GLU B 194 26.06 -23.35 -20.78
N SER B 195 25.30 -24.39 -21.10
CA SER B 195 24.01 -24.27 -21.82
C SER B 195 22.98 -23.65 -20.87
N GLU B 196 21.87 -23.15 -21.43
CA GLU B 196 20.72 -22.65 -20.63
C GLU B 196 20.21 -23.78 -19.75
N GLU B 197 20.06 -24.99 -20.30
CA GLU B 197 19.54 -26.16 -19.57
C GLU B 197 20.48 -26.50 -18.40
N HIS B 198 21.79 -26.51 -18.62
CA HIS B 198 22.80 -26.83 -17.56
C HIS B 198 22.79 -25.72 -16.52
N PHE B 199 22.60 -24.47 -16.96
CA PHE B 199 22.46 -23.32 -16.05
C PHE B 199 21.22 -23.55 -15.15
N ALA B 200 20.09 -23.89 -15.77
CA ALA B 200 18.81 -24.21 -15.09
C ALA B 200 19.04 -25.33 -14.06
N ASP B 201 19.78 -26.39 -14.43
CA ASP B 201 20.15 -27.51 -13.52
C ASP B 201 20.86 -26.96 -12.30
N ARG B 202 21.91 -26.16 -12.51
CA ARG B 202 22.75 -25.65 -11.41
C ARG B 202 21.95 -24.72 -10.50
N LEU B 203 20.99 -23.96 -11.06
CA LEU B 203 20.14 -23.08 -10.21
C LEU B 203 19.22 -23.95 -9.35
N ALA B 204 18.63 -24.97 -9.95
CA ALA B 204 17.75 -25.94 -9.23
C ALA B 204 18.56 -26.64 -8.12
N VAL B 205 19.82 -27.01 -8.38
CA VAL B 205 20.74 -27.58 -7.35
C VAL B 205 20.97 -26.56 -6.25
N GLU B 206 21.31 -25.31 -6.59
CA GLU B 206 21.53 -24.26 -5.57
C GLU B 206 20.28 -24.19 -4.66
N LEU B 207 19.08 -24.20 -5.25
CA LEU B 207 17.81 -24.08 -4.50
C LEU B 207 17.68 -25.30 -3.56
N GLU B 208 17.77 -26.52 -4.10
CA GLU B 208 17.71 -27.79 -3.32
C GLU B 208 18.72 -27.73 -2.18
N GLN B 209 19.94 -27.25 -2.40
CA GLN B 209 21.02 -27.19 -1.37
C GLN B 209 20.73 -26.12 -0.34
N LYS B 210 20.08 -25.03 -0.74
CA LYS B 210 19.69 -23.97 0.23
C LYS B 210 18.62 -24.55 1.20
N ILE B 211 17.64 -25.24 0.62
CA ILE B 211 16.48 -25.89 1.32
C ILE B 211 17.05 -26.90 2.33
N LEU B 212 17.84 -27.86 1.84
CA LEU B 212 18.52 -28.88 2.69
C LEU B 212 19.37 -28.17 3.75
N ALA B 213 20.20 -27.19 3.41
CA ALA B 213 21.05 -26.48 4.39
C ALA B 213 20.21 -25.77 5.46
N GLU B 214 19.03 -25.26 5.11
CA GLU B 214 18.19 -24.44 6.03
C GLU B 214 17.26 -25.37 6.84
N GLY B 215 16.98 -26.57 6.29
CA GLY B 215 15.98 -27.52 6.81
C GLY B 215 14.69 -27.38 6.01
N PRO B 216 14.35 -28.35 5.14
CA PRO B 216 13.14 -28.26 4.33
C PRO B 216 11.87 -27.91 5.13
N GLU B 217 11.83 -28.33 6.38
CA GLU B 217 10.64 -28.16 7.28
C GLU B 217 10.48 -26.66 7.58
N THR B 218 11.50 -25.84 7.32
CA THR B 218 11.51 -24.38 7.67
C THR B 218 11.17 -23.51 6.46
N ILE B 219 11.08 -24.06 5.24
CA ILE B 219 10.88 -23.30 3.97
C ILE B 219 9.40 -23.32 3.58
N ALA B 220 8.73 -22.16 3.64
CA ALA B 220 7.30 -22.01 3.29
C ALA B 220 7.11 -21.80 1.80
N ALA B 221 7.93 -20.96 1.16
CA ALA B 221 7.53 -20.42 -0.15
C ALA B 221 8.75 -19.99 -0.98
N PHE B 222 8.58 -20.15 -2.28
CA PHE B 222 9.47 -19.62 -3.33
C PHE B 222 8.68 -18.58 -4.12
N ILE B 223 9.17 -17.36 -4.20
CA ILE B 223 8.50 -16.28 -4.99
C ILE B 223 9.43 -15.86 -6.14
N GLY B 224 8.85 -15.69 -7.32
CA GLY B 224 9.56 -15.18 -8.49
C GLY B 224 8.62 -14.47 -9.44
N GLU B 225 9.10 -13.37 -10.02
CA GLU B 225 8.54 -12.84 -11.28
C GLU B 225 8.84 -13.86 -12.37
N PRO B 226 7.85 -14.26 -13.21
CA PRO B 226 8.12 -15.17 -14.33
C PRO B 226 9.34 -14.72 -15.13
N LEU B 227 9.33 -13.45 -15.51
CA LEU B 227 10.46 -12.68 -16.09
C LEU B 227 10.66 -11.50 -15.14
N MET B 228 11.91 -11.20 -14.76
CA MET B 228 12.25 -10.12 -13.79
C MET B 228 12.13 -8.74 -14.49
N GLY B 229 11.28 -7.86 -13.99
CA GLY B 229 11.04 -6.52 -14.55
C GLY B 229 12.12 -5.54 -14.13
N ALA B 230 12.03 -5.01 -12.92
CA ALA B 230 12.90 -3.88 -12.48
C ALA B 230 14.36 -4.32 -12.46
N GLY B 231 14.63 -5.62 -12.43
CA GLY B 231 15.98 -6.18 -12.37
C GLY B 231 16.67 -6.23 -13.72
N GLY B 232 15.98 -5.84 -14.79
CA GLY B 232 16.59 -5.67 -16.12
C GLY B 232 15.93 -6.49 -17.21
N VAL B 233 14.65 -6.82 -17.09
CA VAL B 233 13.91 -7.61 -18.12
C VAL B 233 14.71 -8.91 -18.30
N ILE B 234 14.87 -9.66 -17.21
CA ILE B 234 15.66 -10.93 -17.18
C ILE B 234 14.69 -12.09 -17.47
N VAL B 235 14.79 -12.61 -18.69
CA VAL B 235 14.15 -13.85 -19.15
C VAL B 235 14.92 -15.02 -18.55
N PRO B 236 14.25 -15.93 -17.83
CA PRO B 236 14.94 -17.07 -17.24
C PRO B 236 15.39 -18.02 -18.34
N PRO B 237 16.43 -18.86 -18.08
CA PRO B 237 16.86 -19.85 -19.06
C PRO B 237 15.81 -20.95 -19.28
N ARG B 238 15.74 -21.51 -20.49
CA ARG B 238 14.91 -22.71 -20.82
C ARG B 238 15.04 -23.74 -19.68
N THR B 239 13.89 -24.30 -19.25
CA THR B 239 13.74 -25.39 -18.23
C THR B 239 13.94 -24.87 -16.80
N TYR B 240 14.22 -23.60 -16.57
CA TYR B 240 14.36 -23.03 -15.20
C TYR B 240 13.08 -23.29 -14.41
N TRP B 241 11.93 -22.87 -14.92
CA TRP B 241 10.69 -22.88 -14.09
C TRP B 241 10.24 -24.33 -13.89
N GLU B 242 10.34 -25.17 -14.91
CA GLU B 242 10.05 -26.63 -14.76
C GLU B 242 10.86 -27.19 -13.60
N LYS B 243 12.18 -27.00 -13.64
CA LYS B 243 13.12 -27.65 -12.69
C LYS B 243 13.01 -27.02 -11.32
N ILE B 244 12.74 -25.72 -11.25
CA ILE B 244 12.60 -25.05 -9.95
C ILE B 244 11.33 -25.57 -9.26
N GLN B 245 10.25 -25.72 -10.02
CA GLN B 245 8.92 -26.16 -9.48
C GLN B 245 9.04 -27.61 -8.99
N LYS B 246 9.65 -28.50 -9.79
CA LYS B 246 9.94 -29.90 -9.36
C LYS B 246 10.60 -29.87 -7.98
N VAL B 247 11.64 -29.07 -7.76
CA VAL B 247 12.32 -28.96 -6.44
C VAL B 247 11.33 -28.45 -5.38
N CYS B 248 10.52 -27.44 -5.72
CA CYS B 248 9.55 -26.85 -4.78
C CYS B 248 8.53 -27.93 -4.40
N ARG B 249 7.92 -28.62 -5.38
CA ARG B 249 6.87 -29.65 -5.11
C ARG B 249 7.51 -30.77 -4.28
N LYS B 250 8.78 -31.10 -4.55
CA LYS B 250 9.51 -32.15 -3.80
C LYS B 250 9.46 -31.85 -2.29
N TYR B 251 9.53 -30.59 -1.84
CA TYR B 251 9.67 -30.26 -0.40
C TYR B 251 8.41 -29.52 0.14
N ASP B 252 7.31 -29.60 -0.60
CA ASP B 252 6.01 -29.02 -0.17
C ASP B 252 6.21 -27.51 0.03
N ILE B 253 6.82 -26.81 -0.96
CA ILE B 253 7.11 -25.35 -0.90
C ILE B 253 6.14 -24.64 -1.83
N LEU B 254 5.40 -23.64 -1.34
CA LEU B 254 4.45 -22.89 -2.21
C LEU B 254 5.26 -22.15 -3.28
N VAL B 255 4.73 -22.13 -4.50
CA VAL B 255 5.26 -21.35 -5.65
C VAL B 255 4.37 -20.11 -5.80
N ILE B 256 4.95 -18.93 -5.57
CA ILE B 256 4.26 -17.62 -5.73
C ILE B 256 4.74 -16.97 -7.02
N ALA B 257 3.84 -16.77 -7.99
CA ALA B 257 4.16 -16.06 -9.25
C ALA B 257 3.85 -14.56 -9.04
N ASP B 258 4.89 -13.73 -8.96
CA ASP B 258 4.74 -12.25 -8.93
C ASP B 258 4.52 -11.77 -10.36
N GLU B 259 3.26 -11.54 -10.70
CA GLU B 259 2.79 -11.12 -12.04
C GLU B 259 2.51 -9.61 -12.07
N VAL B 260 3.11 -8.85 -11.16
CA VAL B 260 2.83 -7.38 -11.06
C VAL B 260 3.14 -6.74 -12.42
N ILE B 261 4.26 -7.10 -13.05
CA ILE B 261 4.58 -6.60 -14.42
C ILE B 261 4.05 -7.53 -15.51
N CYS B 262 4.23 -8.86 -15.38
CA CYS B 262 3.90 -9.81 -16.46
C CYS B 262 2.37 -9.88 -16.71
N GLY B 263 1.57 -9.54 -15.70
CA GLY B 263 0.12 -9.75 -15.75
C GLY B 263 -0.54 -8.95 -16.86
N PHE B 264 -1.46 -9.60 -17.59
CA PHE B 264 -2.43 -9.01 -18.52
C PHE B 264 -1.75 -8.65 -19.84
N GLY B 265 -1.01 -9.60 -20.41
CA GLY B 265 -0.65 -9.54 -21.84
C GLY B 265 0.73 -8.97 -22.10
N ARG B 266 1.54 -8.76 -21.08
CA ARG B 266 2.88 -8.17 -21.27
C ARG B 266 3.81 -9.15 -21.97
N THR B 267 3.70 -10.45 -21.72
CA THR B 267 4.74 -11.45 -22.13
C THR B 267 4.34 -12.31 -23.34
N GLY B 268 3.23 -11.99 -24.01
CA GLY B 268 2.79 -12.72 -25.21
C GLY B 268 1.59 -13.60 -24.92
N GLN B 269 1.28 -13.85 -23.64
CA GLN B 269 0.05 -14.54 -23.19
C GLN B 269 -0.55 -13.71 -22.06
N MET B 270 -1.70 -14.09 -21.55
CA MET B 270 -2.40 -13.24 -20.56
C MET B 270 -1.51 -13.12 -19.33
N PHE B 271 -0.85 -14.20 -18.94
CA PHE B 271 0.03 -14.25 -17.75
C PHE B 271 1.41 -14.80 -18.07
N GLY B 272 2.42 -14.32 -17.35
CA GLY B 272 3.80 -14.84 -17.44
C GLY B 272 3.81 -16.32 -17.06
N SER B 273 2.95 -16.71 -16.12
CA SER B 273 2.72 -18.11 -15.69
C SER B 273 2.39 -19.01 -16.88
N GLN B 274 1.63 -18.52 -17.83
CA GLN B 274 1.32 -19.27 -19.08
C GLN B 274 2.58 -19.28 -19.95
N THR B 275 3.16 -18.12 -20.21
CA THR B 275 4.36 -18.03 -21.07
C THR B 275 5.47 -18.98 -20.58
N PHE B 276 5.70 -19.11 -19.27
CA PHE B 276 6.89 -19.80 -18.71
C PHE B 276 6.54 -21.15 -18.06
N GLY B 277 5.32 -21.64 -18.25
CA GLY B 277 4.83 -22.92 -17.70
C GLY B 277 4.94 -22.96 -16.18
N ILE B 278 4.39 -21.95 -15.51
CA ILE B 278 4.32 -21.92 -14.02
C ILE B 278 2.90 -22.31 -13.63
N GLN B 279 2.81 -23.17 -12.60
CA GLN B 279 1.54 -23.62 -11.93
C GLN B 279 1.62 -23.11 -10.51
N PRO B 280 1.38 -21.80 -10.28
CA PRO B 280 1.58 -21.23 -8.95
C PRO B 280 0.42 -21.56 -7.99
N ASP B 281 0.72 -21.58 -6.71
CA ASP B 281 -0.23 -21.65 -5.58
C ASP B 281 -0.86 -20.27 -5.34
N ILE B 282 -0.09 -19.21 -5.56
CA ILE B 282 -0.49 -17.79 -5.28
C ILE B 282 -0.01 -16.94 -6.46
N MET B 283 -0.85 -16.04 -6.96
CA MET B 283 -0.40 -15.07 -7.98
C MET B 283 -0.64 -13.65 -7.42
N VAL B 284 0.27 -12.73 -7.72
CA VAL B 284 0.18 -11.32 -7.29
C VAL B 284 0.04 -10.48 -8.54
N LEU B 285 -0.97 -9.60 -8.58
CA LEU B 285 -1.34 -8.81 -9.77
C LEU B 285 -1.43 -7.33 -9.38
N SER B 286 -1.05 -6.46 -10.31
CA SER B 286 -1.19 -4.99 -10.13
C SER B 286 -1.00 -4.32 -11.48
N LYS B 287 -0.65 -3.04 -11.48
CA LYS B 287 -0.21 -2.27 -12.67
C LYS B 287 -1.24 -2.39 -13.80
N GLN B 288 -1.01 -3.26 -14.76
CA GLN B 288 -1.86 -3.38 -15.97
C GLN B 288 -3.29 -3.81 -15.58
N LEU B 289 -3.48 -4.32 -14.36
CA LEU B 289 -4.81 -4.63 -13.80
C LEU B 289 -5.73 -3.42 -14.01
N SER B 290 -5.23 -2.20 -13.78
CA SER B 290 -6.07 -0.97 -13.89
C SER B 290 -5.44 0.04 -14.86
N SER B 291 -4.43 -0.38 -15.64
CA SER B 291 -3.55 0.53 -16.42
C SER B 291 -2.98 1.61 -15.50
N SER B 292 -2.86 1.32 -14.20
N SER B 292 -2.83 1.28 -14.21
CA SER B 292 -2.41 2.27 -13.14
CA SER B 292 -2.49 2.18 -13.07
C SER B 292 -3.32 3.50 -13.05
C SER B 292 -3.30 3.50 -13.12
N TYR B 293 -4.52 3.47 -13.67
CA TYR B 293 -5.48 4.62 -13.57
C TYR B 293 -5.96 4.75 -12.12
N GLN B 294 -5.96 3.64 -11.38
CA GLN B 294 -6.24 3.61 -9.93
C GLN B 294 -5.23 2.70 -9.25
N PRO B 295 -4.83 3.01 -8.00
CA PRO B 295 -3.99 2.11 -7.23
C PRO B 295 -4.81 0.88 -6.81
N ILE B 296 -4.43 -0.29 -7.33
CA ILE B 296 -5.07 -1.56 -6.91
C ILE B 296 -4.11 -2.71 -7.24
N ALA B 297 -4.06 -3.66 -6.33
CA ALA B 297 -3.38 -4.96 -6.56
C ALA B 297 -4.32 -6.06 -6.09
N ALA B 298 -4.07 -7.28 -6.54
CA ALA B 298 -4.91 -8.44 -6.22
C ALA B 298 -4.00 -9.63 -5.97
N ILE B 299 -4.31 -10.39 -4.92
CA ILE B 299 -3.71 -11.73 -4.63
C ILE B 299 -4.72 -12.79 -5.06
N LEU B 300 -4.34 -13.71 -5.94
CA LEU B 300 -5.11 -14.96 -6.16
C LEU B 300 -4.50 -16.06 -5.31
N ILE B 301 -5.32 -16.74 -4.49
CA ILE B 301 -4.87 -17.91 -3.69
C ILE B 301 -5.65 -19.14 -4.18
N ASN B 302 -4.98 -20.30 -4.23
CA ASN B 302 -5.64 -21.56 -4.69
C ASN B 302 -6.41 -22.16 -3.51
N ALA B 303 -7.14 -23.26 -3.74
CA ALA B 303 -8.05 -23.88 -2.76
C ALA B 303 -7.30 -24.18 -1.46
N PRO B 304 -6.16 -24.90 -1.48
CA PRO B 304 -5.45 -25.26 -0.25
C PRO B 304 -5.05 -24.06 0.62
N VAL B 305 -4.55 -22.99 0.01
CA VAL B 305 -4.13 -21.79 0.78
C VAL B 305 -5.37 -21.19 1.47
N PHE B 306 -6.45 -21.02 0.71
CA PHE B 306 -7.73 -20.44 1.22
C PHE B 306 -8.24 -21.30 2.37
N GLU B 307 -8.29 -22.61 2.15
CA GLU B 307 -8.94 -23.53 3.13
C GLU B 307 -8.24 -23.40 4.47
N GLY B 308 -6.90 -23.36 4.51
CA GLY B 308 -6.16 -23.26 5.77
C GLY B 308 -6.34 -21.90 6.45
N ILE B 309 -6.33 -20.82 5.68
CA ILE B 309 -6.57 -19.45 6.21
C ILE B 309 -8.00 -19.41 6.80
N ALA B 310 -8.99 -19.92 6.05
CA ALA B 310 -10.42 -19.90 6.43
C ALA B 310 -10.62 -20.63 7.75
N ASP B 311 -9.99 -21.80 7.89
CA ASP B 311 -10.00 -22.62 9.11
C ASP B 311 -9.54 -21.78 10.30
N GLN B 312 -8.37 -21.15 10.19
CA GLN B 312 -7.82 -20.39 11.34
C GLN B 312 -8.63 -19.12 11.58
N SER B 313 -9.23 -18.54 10.53
CA SER B 313 -10.04 -17.28 10.67
C SER B 313 -11.26 -17.59 11.56
N GLN B 314 -11.79 -18.81 11.44
CA GLN B 314 -12.91 -19.31 12.27
C GLN B 314 -12.43 -19.47 13.71
N ALA B 315 -11.36 -20.24 13.92
CA ALA B 315 -10.82 -20.50 15.26
C ALA B 315 -10.49 -19.19 15.98
N LEU B 316 -9.94 -18.18 15.30
CA LEU B 316 -9.48 -16.94 15.98
C LEU B 316 -10.58 -15.86 15.97
N GLY B 317 -11.79 -16.14 15.47
CA GLY B 317 -12.89 -15.17 15.46
C GLY B 317 -13.04 -14.46 14.14
N ALA B 318 -11.95 -13.93 13.59
CA ALA B 318 -11.89 -13.30 12.25
C ALA B 318 -10.45 -13.23 11.79
N LEU B 319 -10.25 -13.11 10.49
CA LEU B 319 -8.96 -12.83 9.85
C LEU B 319 -8.53 -11.40 10.22
N GLY B 320 -7.50 -11.25 11.06
CA GLY B 320 -7.04 -9.94 11.54
C GLY B 320 -6.16 -9.23 10.51
N HIS B 321 -6.68 -8.97 9.30
CA HIS B 321 -5.87 -8.34 8.23
C HIS B 321 -6.76 -7.57 7.26
N GLY B 322 -6.30 -6.41 6.80
CA GLY B 322 -6.95 -5.68 5.71
C GLY B 322 -6.55 -4.23 5.70
N PHE B 323 -6.66 -3.61 4.53
CA PHE B 323 -6.37 -2.17 4.31
C PHE B 323 -7.72 -1.46 4.08
N THR B 324 -7.84 -0.25 4.60
CA THR B 324 -8.95 0.70 4.31
C THR B 324 -9.34 0.61 2.83
N GLY B 325 -8.37 0.70 1.93
CA GLY B 325 -8.61 0.79 0.47
C GLY B 325 -8.81 -0.58 -0.15
N SER B 326 -8.69 -1.68 0.60
CA SER B 326 -8.81 -3.05 0.03
C SER B 326 -10.11 -3.12 -0.76
N GLY B 327 -10.02 -3.25 -2.08
CA GLY B 327 -11.16 -3.50 -2.96
C GLY B 327 -11.93 -2.22 -3.23
N HIS B 328 -11.28 -1.06 -3.03
CA HIS B 328 -11.90 0.26 -3.26
C HIS B 328 -12.83 0.20 -4.47
N PRO B 329 -14.12 0.60 -4.34
CA PRO B 329 -15.07 0.44 -5.43
C PRO B 329 -14.71 1.14 -6.73
N VAL B 330 -14.09 2.32 -6.65
CA VAL B 330 -13.65 3.04 -7.88
C VAL B 330 -12.48 2.28 -8.50
N ALA B 331 -11.52 1.85 -7.70
CA ALA B 331 -10.32 1.15 -8.23
C ALA B 331 -10.75 -0.19 -8.84
N THR B 332 -11.65 -0.93 -8.18
CA THR B 332 -12.13 -2.25 -8.67
C THR B 332 -12.99 -2.04 -9.93
N ALA B 333 -13.79 -0.98 -9.99
CA ALA B 333 -14.66 -0.70 -11.15
C ALA B 333 -13.80 -0.40 -12.37
N VAL B 334 -12.76 0.41 -12.19
CA VAL B 334 -11.82 0.78 -13.28
C VAL B 334 -11.06 -0.46 -13.74
N ALA B 335 -10.56 -1.26 -12.81
CA ALA B 335 -9.82 -2.48 -13.18
C ALA B 335 -10.77 -3.39 -13.98
N LEU B 336 -12.00 -3.54 -13.54
CA LEU B 336 -12.97 -4.48 -14.19
C LEU B 336 -13.15 -4.05 -15.65
N GLU B 337 -13.34 -2.76 -15.89
CA GLU B 337 -13.55 -2.20 -17.25
C GLU B 337 -12.25 -2.38 -18.06
N ASN B 338 -11.10 -2.16 -17.40
CA ASN B 338 -9.76 -2.31 -18.04
C ASN B 338 -9.63 -3.74 -18.61
N LEU B 339 -9.95 -4.76 -17.82
CA LEU B 339 -9.80 -6.18 -18.23
C LEU B 339 -10.79 -6.49 -19.36
N LYS B 340 -12.00 -5.93 -19.30
CA LYS B 340 -12.99 -6.09 -20.39
C LYS B 340 -12.40 -5.55 -21.70
N ILE B 341 -11.75 -4.38 -21.66
CA ILE B 341 -11.20 -3.75 -22.87
C ILE B 341 -10.10 -4.64 -23.42
N ILE B 342 -9.20 -5.13 -22.56
CA ILE B 342 -8.08 -6.01 -22.99
C ILE B 342 -8.67 -7.24 -23.71
N GLU B 343 -9.73 -7.83 -23.17
CA GLU B 343 -10.41 -9.01 -23.78
C GLU B 343 -11.12 -8.58 -25.07
N GLU B 344 -11.90 -7.50 -25.07
CA GLU B 344 -12.75 -7.15 -26.23
C GLU B 344 -11.86 -6.70 -27.39
N GLU B 345 -10.71 -6.09 -27.12
CA GLU B 345 -9.88 -5.51 -28.19
C GLU B 345 -8.74 -6.48 -28.56
N SER B 346 -8.80 -7.73 -28.09
CA SER B 346 -7.78 -8.77 -28.34
C SER B 346 -6.36 -8.17 -28.15
N LEU B 347 -6.12 -7.49 -27.03
CA LEU B 347 -4.82 -6.77 -26.82
C LEU B 347 -3.70 -7.77 -26.48
N VAL B 348 -3.99 -8.95 -25.96
CA VAL B 348 -2.92 -9.94 -25.67
C VAL B 348 -2.29 -10.30 -27.03
N GLU B 349 -3.11 -10.60 -28.03
CA GLU B 349 -2.65 -11.02 -29.37
C GLU B 349 -1.93 -9.84 -30.05
N HIS B 350 -2.53 -8.65 -30.03
CA HIS B 350 -1.95 -7.42 -30.61
C HIS B 350 -0.59 -7.13 -29.98
N ALA B 351 -0.48 -7.23 -28.66
CA ALA B 351 0.78 -6.96 -27.94
C ALA B 351 1.85 -7.98 -28.40
N ALA B 352 1.49 -9.25 -28.55
CA ALA B 352 2.42 -10.30 -29.03
C ALA B 352 2.96 -9.89 -30.41
N GLN B 353 2.09 -9.43 -31.31
CA GLN B 353 2.47 -8.98 -32.68
C GLN B 353 3.40 -7.77 -32.58
N MET B 354 3.04 -6.76 -31.78
CA MET B 354 3.85 -5.53 -31.62
C MET B 354 5.21 -5.89 -31.02
N GLY B 355 5.24 -6.85 -30.11
CA GLY B 355 6.46 -7.37 -29.46
C GLY B 355 7.44 -7.95 -30.48
N GLN B 356 6.93 -8.65 -31.48
CA GLN B 356 7.77 -9.24 -32.57
C GLN B 356 8.41 -8.09 -33.35
N LEU B 357 7.62 -7.06 -33.65
CA LEU B 357 8.11 -5.88 -34.42
C LEU B 357 9.17 -5.17 -33.59
N LEU B 358 8.94 -5.03 -32.29
CA LEU B 358 9.87 -4.30 -31.40
C LEU B 358 11.22 -5.03 -31.39
N ARG B 359 11.17 -6.33 -31.14
CA ARG B 359 12.40 -7.14 -30.98
C ARG B 359 13.14 -7.18 -32.33
N SER B 360 12.44 -7.30 -33.46
CA SER B 360 13.03 -7.27 -34.83
C SER B 360 13.74 -5.93 -35.06
N GLY B 361 13.07 -4.82 -34.74
CA GLY B 361 13.65 -3.49 -34.86
C GLY B 361 14.96 -3.38 -34.09
N LEU B 362 14.98 -3.81 -32.82
CA LEU B 362 16.19 -3.69 -31.97
C LEU B 362 17.31 -4.59 -32.54
N GLN B 363 16.94 -5.75 -33.09
CA GLN B 363 17.93 -6.77 -33.53
C GLN B 363 18.74 -6.27 -34.74
N HIS B 364 18.36 -5.16 -35.38
CA HIS B 364 19.20 -4.52 -36.44
C HIS B 364 20.52 -4.08 -35.82
N PHE B 365 20.60 -3.99 -34.49
CA PHE B 365 21.79 -3.44 -33.79
C PHE B 365 22.52 -4.56 -33.05
N ILE B 366 22.21 -5.82 -33.36
CA ILE B 366 22.73 -6.96 -32.56
C ILE B 366 24.26 -7.09 -32.69
N ASP B 367 24.88 -6.63 -33.78
N ASP B 367 24.83 -6.59 -33.80
CA ASP B 367 26.38 -6.71 -33.92
CA ASP B 367 26.27 -6.61 -34.14
C ASP B 367 27.00 -5.32 -33.67
C ASP B 367 27.00 -5.42 -33.51
N HIS B 368 26.28 -4.41 -33.03
CA HIS B 368 26.85 -3.12 -32.58
C HIS B 368 27.90 -3.39 -31.50
N PRO B 369 29.06 -2.70 -31.51
CA PRO B 369 30.11 -3.00 -30.53
C PRO B 369 29.71 -2.74 -29.07
N LEU B 370 28.68 -1.91 -28.81
CA LEU B 370 28.21 -1.61 -27.44
C LEU B 370 26.99 -2.44 -27.08
N VAL B 371 26.48 -3.29 -27.96
CA VAL B 371 25.27 -4.09 -27.63
C VAL B 371 25.71 -5.46 -27.15
N GLY B 372 25.57 -5.73 -25.85
CA GLY B 372 25.93 -7.02 -25.26
C GLY B 372 24.83 -8.06 -25.42
N GLU B 373 23.57 -7.69 -25.20
CA GLU B 373 22.44 -8.63 -25.29
C GLU B 373 21.17 -7.87 -25.63
N ILE B 374 20.32 -8.47 -26.45
CA ILE B 374 18.94 -7.98 -26.69
C ILE B 374 17.99 -9.07 -26.21
N ARG B 375 17.19 -8.79 -25.21
CA ARG B 375 16.40 -9.84 -24.56
C ARG B 375 14.96 -9.33 -24.39
N GLY B 376 14.04 -10.26 -24.24
CA GLY B 376 12.66 -9.97 -23.89
C GLY B 376 11.76 -11.07 -24.35
N CYS B 377 10.49 -10.88 -24.15
CA CYS B 377 9.46 -11.63 -24.89
C CYS B 377 8.15 -10.86 -24.79
N GLY B 378 7.25 -11.16 -25.70
CA GLY B 378 6.01 -10.36 -25.83
C GLY B 378 6.39 -8.91 -26.01
N LEU B 379 5.80 -8.01 -25.23
CA LEU B 379 5.97 -6.55 -25.42
C LEU B 379 6.81 -5.98 -24.27
N ILE B 380 7.75 -6.78 -23.78
CA ILE B 380 8.80 -6.28 -22.85
C ILE B 380 10.17 -6.68 -23.39
N ALA B 381 11.08 -5.72 -23.44
CA ALA B 381 12.44 -5.96 -23.98
C ALA B 381 13.45 -5.08 -23.26
N ALA B 382 14.72 -5.49 -23.36
CA ALA B 382 15.83 -4.64 -22.91
C ALA B 382 17.00 -4.84 -23.87
N VAL B 383 17.76 -3.78 -24.04
CA VAL B 383 19.07 -3.84 -24.72
C VAL B 383 20.08 -3.58 -23.62
N GLU B 384 20.91 -4.56 -23.32
CA GLU B 384 21.98 -4.39 -22.33
C GLU B 384 23.23 -3.92 -23.08
N LEU B 385 23.65 -2.69 -22.82
CA LEU B 385 24.88 -2.14 -23.44
C LEU B 385 26.07 -2.52 -22.57
N VAL B 386 27.20 -2.73 -23.22
CA VAL B 386 28.51 -3.05 -22.58
C VAL B 386 29.59 -2.21 -23.27
N GLY B 387 30.69 -1.98 -22.56
CA GLY B 387 31.89 -1.34 -23.14
C GLY B 387 32.67 -2.30 -24.00
N ASP B 388 32.53 -3.60 -23.77
CA ASP B 388 33.37 -4.66 -24.38
C ASP B 388 32.56 -5.98 -24.42
N ARG B 389 32.34 -6.49 -25.64
CA ARG B 389 31.42 -7.63 -25.85
C ARG B 389 32.08 -8.92 -25.38
N VAL B 390 33.40 -9.06 -25.49
CA VAL B 390 34.11 -10.27 -25.04
C VAL B 390 34.03 -10.38 -23.50
N SER B 391 34.49 -9.39 -22.77
CA SER B 391 34.49 -9.43 -21.29
C SER B 391 33.09 -9.13 -20.71
N LYS B 392 32.22 -8.46 -21.47
CA LYS B 392 30.88 -7.98 -21.01
C LYS B 392 31.05 -6.90 -19.95
N ALA B 393 32.22 -6.27 -19.87
CA ALA B 393 32.53 -5.19 -18.91
C ALA B 393 31.85 -3.90 -19.35
N PRO B 394 31.45 -3.05 -18.38
CA PRO B 394 30.78 -1.81 -18.69
C PRO B 394 31.79 -0.82 -19.28
N TYR B 395 31.28 0.19 -19.98
CA TYR B 395 32.04 1.41 -20.26
C TYR B 395 32.03 2.26 -18.99
N GLN B 396 33.23 2.60 -18.48
CA GLN B 396 33.37 3.36 -17.21
C GLN B 396 32.61 2.54 -16.16
N ALA B 397 31.94 3.17 -15.18
CA ALA B 397 31.22 2.45 -14.11
C ALA B 397 29.97 1.78 -14.70
N LEU B 398 29.60 0.61 -14.20
CA LEU B 398 28.29 -0.03 -14.47
C LEU B 398 27.19 1.03 -14.34
N GLY B 399 26.35 1.17 -15.34
CA GLY B 399 25.23 2.16 -15.34
C GLY B 399 25.51 3.37 -16.20
N THR B 400 26.77 3.60 -16.58
CA THR B 400 27.15 4.80 -17.36
C THR B 400 26.44 4.80 -18.73
N LEU B 401 26.46 3.70 -19.46
CA LEU B 401 25.82 3.67 -20.80
C LEU B 401 24.30 3.77 -20.67
N GLY B 402 23.71 3.06 -19.70
CA GLY B 402 22.25 3.12 -19.48
C GLY B 402 21.79 4.53 -19.20
N ARG B 403 22.51 5.23 -18.30
CA ARG B 403 22.15 6.60 -17.90
C ARG B 403 22.25 7.51 -19.12
N TYR B 404 23.34 7.43 -19.88
CA TYR B 404 23.58 8.28 -21.07
C TYR B 404 22.48 8.00 -22.10
N MET B 405 22.20 6.72 -22.36
CA MET B 405 21.14 6.31 -23.32
C MET B 405 19.80 6.90 -22.90
N ALA B 406 19.40 6.77 -21.62
CA ALA B 406 18.06 7.23 -21.16
C ALA B 406 17.97 8.75 -21.33
N GLY B 407 19.07 9.47 -21.05
CA GLY B 407 19.16 10.92 -21.28
C GLY B 407 18.97 11.27 -22.74
N ARG B 408 19.66 10.57 -23.65
CA ARG B 408 19.55 10.83 -25.09
C ARG B 408 18.14 10.51 -25.57
N ALA B 409 17.58 9.38 -25.16
CA ALA B 409 16.21 8.97 -25.52
C ALA B 409 15.26 10.11 -25.17
N GLN B 410 15.37 10.66 -23.96
CA GLN B 410 14.49 11.77 -23.53
C GLN B 410 14.66 12.95 -24.48
N GLU B 411 15.91 13.32 -24.80
CA GLU B 411 16.21 14.42 -25.76
C GLU B 411 15.46 14.14 -27.07
N HIS B 412 15.40 12.88 -27.50
CA HIS B 412 14.79 12.46 -28.79
C HIS B 412 13.29 12.16 -28.61
N GLY B 413 12.69 12.56 -27.49
CA GLY B 413 11.25 12.45 -27.28
C GLY B 413 10.80 11.04 -26.94
N MET B 414 11.54 10.35 -26.07
CA MET B 414 11.12 9.03 -25.59
C MET B 414 11.55 8.84 -24.13
N ILE B 415 10.61 8.43 -23.30
CA ILE B 415 10.91 8.09 -21.88
C ILE B 415 11.16 6.59 -21.82
N THR B 416 12.40 6.23 -21.51
CA THR B 416 12.84 4.85 -21.26
C THR B 416 13.44 4.85 -19.85
N LEU B 417 13.61 3.67 -19.29
CA LEU B 417 14.21 3.47 -17.96
C LEU B 417 15.49 2.66 -18.16
N ALA B 418 16.58 3.11 -17.56
CA ALA B 418 17.82 2.33 -17.51
C ALA B 418 17.78 1.52 -16.23
N MET B 419 18.12 0.24 -16.32
CA MET B 419 18.35 -0.64 -15.16
C MET B 419 19.80 -1.08 -15.26
N GLY B 420 20.69 -0.40 -14.55
CA GLY B 420 22.14 -0.49 -14.82
C GLY B 420 22.36 -0.07 -16.25
N ASP B 421 22.92 -0.94 -17.09
CA ASP B 421 23.22 -0.61 -18.50
C ASP B 421 22.19 -1.24 -19.43
N ALA B 422 21.08 -1.75 -18.89
CA ALA B 422 19.98 -2.30 -19.69
C ALA B 422 18.97 -1.17 -19.90
N VAL B 423 18.68 -0.90 -21.16
CA VAL B 423 17.68 0.12 -21.57
C VAL B 423 16.38 -0.63 -21.84
N ALA B 424 15.31 -0.32 -21.12
CA ALA B 424 14.08 -1.14 -21.14
C ALA B 424 13.02 -0.55 -22.06
N PHE B 425 12.14 -1.42 -22.55
CA PHE B 425 10.97 -1.11 -23.39
C PHE B 425 9.80 -1.87 -22.83
N CYS B 426 8.73 -1.14 -22.53
CA CYS B 426 7.49 -1.73 -22.00
C CYS B 426 6.33 -0.81 -22.39
N PRO B 427 6.08 -0.63 -23.70
CA PRO B 427 5.08 0.34 -24.15
C PRO B 427 3.66 -0.09 -23.82
N PRO B 428 2.70 0.86 -23.83
CA PRO B 428 1.29 0.49 -23.69
C PRO B 428 0.92 -0.59 -24.72
N LEU B 429 0.02 -1.48 -24.32
CA LEU B 429 -0.43 -2.62 -25.17
C LEU B 429 -1.08 -2.07 -26.44
N ILE B 430 -1.57 -0.83 -26.42
CA ILE B 430 -2.30 -0.19 -27.55
C ILE B 430 -1.33 0.41 -28.57
N VAL B 431 -0.03 0.31 -28.34
CA VAL B 431 1.00 0.77 -29.30
C VAL B 431 0.69 0.13 -30.67
N ASN B 432 0.77 0.93 -31.72
CA ASN B 432 0.53 0.47 -33.11
C ASN B 432 1.89 0.28 -33.81
N GLU B 433 1.86 -0.25 -35.03
CA GLU B 433 3.08 -0.66 -35.77
C GLU B 433 3.98 0.56 -36.04
N GLN B 434 3.40 1.67 -36.50
CA GLN B 434 4.20 2.89 -36.75
C GLN B 434 4.88 3.36 -35.44
N GLU B 435 4.14 3.27 -34.33
CA GLU B 435 4.60 3.75 -33.01
C GLU B 435 5.77 2.87 -32.57
N VAL B 436 5.68 1.55 -32.78
CA VAL B 436 6.83 0.64 -32.49
C VAL B 436 8.03 1.14 -33.31
N GLY B 437 7.79 1.46 -34.59
CA GLY B 437 8.82 2.01 -35.48
C GLY B 437 9.48 3.24 -34.89
N MET B 438 8.67 4.15 -34.34
CA MET B 438 9.18 5.40 -33.76
C MET B 438 9.95 5.10 -32.46
N ILE B 439 9.51 4.13 -31.66
CA ILE B 439 10.24 3.72 -30.43
C ILE B 439 11.66 3.25 -30.82
N VAL B 440 11.76 2.40 -31.84
CA VAL B 440 13.06 1.81 -32.26
C VAL B 440 13.92 2.91 -32.91
N GLU B 441 13.32 3.79 -33.69
CA GLU B 441 13.99 4.97 -34.28
C GLU B 441 14.62 5.80 -33.16
N ARG B 442 13.90 6.04 -32.07
CA ARG B 442 14.41 6.97 -31.02
C ARG B 442 15.49 6.26 -30.21
N PHE B 443 15.32 4.95 -30.02
CA PHE B 443 16.41 4.08 -29.48
C PHE B 443 17.65 4.24 -30.36
N ALA B 444 17.48 4.15 -31.70
CA ALA B 444 18.61 4.21 -32.65
C ALA B 444 19.34 5.55 -32.56
N ARG B 445 18.59 6.67 -32.45
CA ARG B 445 19.20 8.02 -32.33
C ARG B 445 20.00 8.10 -31.02
N ALA B 446 19.43 7.59 -29.94
CA ALA B 446 20.09 7.56 -28.60
C ALA B 446 21.37 6.74 -28.70
N LEU B 447 21.33 5.63 -29.42
CA LEU B 447 22.48 4.72 -29.52
C LEU B 447 23.54 5.41 -30.37
N ASP B 448 23.13 6.05 -31.47
CA ASP B 448 24.08 6.81 -32.32
C ASP B 448 24.79 7.87 -31.46
N ASP B 449 24.05 8.68 -30.71
CA ASP B 449 24.64 9.70 -29.78
C ASP B 449 25.61 9.02 -28.82
N THR B 450 25.22 7.89 -28.25
CA THR B 450 25.99 7.21 -27.18
C THR B 450 27.27 6.67 -27.80
N THR B 451 27.16 6.13 -29.02
CA THR B 451 28.31 5.60 -29.79
C THR B 451 29.32 6.74 -30.07
N GLN B 452 28.85 7.90 -30.52
CA GLN B 452 29.73 9.07 -30.81
C GLN B 452 30.42 9.51 -29.52
N TRP B 453 29.69 9.46 -28.41
CA TRP B 453 30.20 9.86 -27.08
C TRP B 453 31.31 8.91 -26.63
N VAL B 454 31.11 7.60 -26.77
CA VAL B 454 32.09 6.55 -26.34
C VAL B 454 33.28 6.50 -27.29
N GLY B 455 33.01 6.47 -28.61
CA GLY B 455 34.03 6.28 -29.67
C GLY B 455 34.66 4.89 -29.57
N PRO B 456 33.89 3.82 -29.86
CA PRO B 456 34.42 2.46 -29.70
C PRO B 456 35.62 2.10 -30.60
N GLY B 457 35.78 2.80 -31.72
CA GLY B 457 36.89 2.52 -32.66
C GLY B 457 36.81 1.06 -33.05
N GLY B 458 37.83 0.25 -32.69
CA GLY B 458 37.88 -1.21 -32.88
C GLY B 458 37.52 -1.65 -34.30
#